data_7FIF
#
_entry.id   7FIF
#
_cell.length_a   1.00
_cell.length_b   1.00
_cell.length_c   1.00
_cell.angle_alpha   90.00
_cell.angle_beta   90.00
_cell.angle_gamma   90.00
#
_symmetry.space_group_name_H-M   'P 1'
#
_entity_poly.entity_id   1
_entity_poly.type   'polypeptide(L)'
_entity_poly.pdbx_seq_one_letter_code
;MGSHHHHHHHHHHHHGSPRQLVRRRKKTVMQRYAHFLAHHPFLILTLTFCANIVLLLVIVCTDSLPAFDDPQAGFEPRGS
LINQRAQAWRNFLERDGVVQPSTRRKATTTKPVAARQNAPVQEIGTGLRNSTVKENVFSSSGMASLGPITQPRGFFCSRP
LLGHAKLILRRKDAGNLLNLEGIRELCQLDADIRRLDEFQSCSEESADTGRLCRTWNLPNYVAVLAGKTSCHQLEEHDIR
NVLNLTATCLPFYRSGQLKADCSTSEDDGKTMQEDTITCPGVPTDCIKDSSIYHLLYFISDKESRETGYSSMKHTLAVLP
VWSSPAALPLYRALQWGNFTRPDDDGPIQVIGMEMGLGDRLFNTALLEDTLYVGVAAGVVVVVLWLYTGSLFVTLMNLMA
IFFSLVVSYFLYVFVFRLTFFPFMNLLTCVIIVAIGADALVIFARLWHLAKTEKDDGRFEKVVHATFRHAAQAILVSSLT
ASAALFSDIVNPIIAIRCFSIFAGLTVLVHLFFAVTWMPACFVVADKWGSSVYVCTKSPVCRLLYRCRCLHSGLRQYCDY
FRIFFEKLLPCLVIRLKWMWMASFVLLTVGACVVVFVFPGLQLASGRTFSLWNSGHPSEQYRLLKDRFAFEENRNLNNNE
KVSLHFVWGVLALNQAALLDPTDTGITTMDGRFNMSDPLSQIWMLKFCADLRQQTFFDNSTQSDNACYFDSFMLWMETGA
CSGHSQFPYPPATFIRCVHTFSNSFPQAKHFGPNFNSLHQIDSFVLRLQTSQLFSHSYTAMQQLHQHVDQWFTAALRTAP
PSLQGAWFTGDFAFFDLQQSLISGTALSLIVSLFVAFLVLFFTTLNVGVSLIAITVIAGIMLATTAALVLMEWQLSVFES
TIIGLAIGLSVDFTLHYAVSYCCAESYEERELKTNIVISEMASCVTMSAVTTFLAGALMIPSDILFYRQLGLFIITVTAI
SLLYATIFLPACLAVLGPQGAFLQFHYPSCRPLCCRPDPSKLVEKSMHSSAEFDTTYTTGGTYDHHRETKQCFHQSINQP
YQGKALRSPSAAANNHHVVVISATPEQPPKTHPALLLDVDPDLADEETDSVGELGSVPTSRGPSRGTSLIGTLEVLFQ
;
_entity_poly.pdbx_strand_id   A
#
# COMPACT_ATOMS: atom_id res chain seq x y z
N LYS A 27 -20.14 35.38 -9.09
CA LYS A 27 -20.48 36.78 -9.25
C LYS A 27 -21.18 37.01 -10.58
N THR A 28 -21.24 38.28 -10.99
CA THR A 28 -21.90 38.61 -12.25
C THR A 28 -21.27 37.85 -13.40
N VAL A 29 -19.94 37.89 -13.50
CA VAL A 29 -19.29 37.16 -14.57
C VAL A 29 -19.52 35.67 -14.41
N MET A 30 -19.50 35.18 -13.17
CA MET A 30 -19.77 33.77 -12.97
C MET A 30 -21.18 33.45 -13.44
N GLN A 31 -22.13 34.34 -13.11
CA GLN A 31 -23.48 34.14 -13.56
C GLN A 31 -23.54 34.18 -15.06
N ARG A 32 -22.67 34.98 -15.67
CA ARG A 32 -22.64 35.06 -17.13
C ARG A 32 -22.14 33.74 -17.71
N TYR A 33 -21.17 33.12 -17.06
CA TYR A 33 -20.70 31.82 -17.53
C TYR A 33 -21.82 30.83 -17.37
N ALA A 34 -22.58 30.96 -16.29
CA ALA A 34 -23.71 30.09 -16.05
C ALA A 34 -24.74 30.27 -17.15
N HIS A 35 -24.98 31.51 -17.56
CA HIS A 35 -25.91 31.78 -18.65
C HIS A 35 -25.34 31.26 -19.95
N PHE A 36 -24.02 31.29 -20.08
CA PHE A 36 -23.38 30.75 -21.27
C PHE A 36 -23.67 29.27 -21.35
N LEU A 37 -23.59 28.61 -20.20
CA LEU A 37 -23.87 27.18 -20.12
C LEU A 37 -25.34 26.91 -20.40
N ALA A 38 -26.22 27.68 -19.77
CA ALA A 38 -27.65 27.51 -19.98
C ALA A 38 -27.99 27.71 -21.45
N HIS A 39 -27.34 28.66 -22.10
CA HIS A 39 -27.58 28.90 -23.51
C HIS A 39 -27.02 27.75 -24.33
N HIS A 40 -26.02 27.08 -23.82
CA HIS A 40 -25.43 25.98 -24.55
C HIS A 40 -25.73 24.70 -23.79
N PRO A 41 -26.99 24.50 -23.42
CA PRO A 41 -27.34 23.28 -22.67
C PRO A 41 -26.91 22.01 -23.36
N PHE A 42 -26.66 22.07 -24.66
CA PHE A 42 -26.19 20.94 -25.45
C PHE A 42 -24.80 21.21 -25.99
N LEU A 43 -24.57 22.43 -26.42
CA LEU A 43 -23.26 22.79 -26.91
C LEU A 43 -22.22 22.67 -25.81
N ILE A 44 -22.54 23.18 -24.62
CA ILE A 44 -21.57 23.10 -23.53
C ILE A 44 -21.27 21.65 -23.20
N LEU A 45 -22.31 20.82 -23.11
CA LEU A 45 -22.10 19.42 -22.79
C LEU A 45 -21.20 18.76 -23.82
N THR A 46 -21.44 19.04 -25.09
CA THR A 46 -20.61 18.45 -26.13
C THR A 46 -19.17 18.91 -25.97
N LEU A 47 -18.97 20.20 -25.75
CA LEU A 47 -17.63 20.74 -25.61
C LEU A 47 -16.82 20.00 -24.56
N THR A 48 -17.45 19.23 -23.69
CA THR A 48 -16.74 18.49 -22.67
C THR A 48 -16.71 16.99 -22.96
N PHE A 49 -17.84 16.43 -23.35
CA PHE A 49 -17.88 14.99 -23.64
C PHE A 49 -16.92 14.65 -24.77
N CYS A 50 -16.90 15.49 -25.81
CA CYS A 50 -15.99 15.25 -26.92
C CYS A 50 -14.55 15.30 -26.44
N ALA A 51 -14.26 16.26 -25.56
CA ALA A 51 -12.93 16.39 -25.03
C ALA A 51 -12.53 15.12 -24.30
N ASN A 52 -13.46 14.58 -23.53
CA ASN A 52 -13.18 13.33 -22.83
C ASN A 52 -12.79 12.25 -23.82
N ILE A 53 -13.60 12.10 -24.87
CA ILE A 53 -13.34 11.07 -25.88
C ILE A 53 -11.98 11.26 -26.52
N VAL A 54 -11.68 12.48 -26.97
CA VAL A 54 -10.40 12.74 -27.62
C VAL A 54 -9.27 12.41 -26.67
N LEU A 55 -9.39 12.81 -25.41
CA LEU A 55 -8.35 12.52 -24.44
C LEU A 55 -8.13 11.01 -24.35
N LEU A 56 -9.23 10.26 -24.30
CA LEU A 56 -9.14 8.80 -24.21
C LEU A 56 -8.39 8.23 -25.39
N LEU A 57 -8.65 8.76 -26.57
CA LEU A 57 -8.00 8.25 -27.78
C LEU A 57 -6.52 8.61 -27.81
N VAL A 58 -6.22 9.91 -27.79
CA VAL A 58 -4.84 10.36 -27.85
C VAL A 58 -3.99 9.62 -26.86
N ILE A 59 -4.43 9.60 -25.59
CA ILE A 59 -3.67 8.90 -24.55
C ILE A 59 -3.51 7.43 -24.88
N VAL A 60 -4.61 6.78 -25.29
CA VAL A 60 -4.52 5.36 -25.63
C VAL A 60 -3.53 5.15 -26.76
N CYS A 61 -3.62 5.97 -27.80
CA CYS A 61 -2.71 5.83 -28.93
C CYS A 61 -1.27 6.15 -28.53
N THR A 62 -1.04 7.30 -27.89
CA THR A 62 0.30 7.72 -27.53
C THR A 62 1.03 6.68 -26.68
N ASP A 63 0.39 6.22 -25.61
CA ASP A 63 1.01 5.23 -24.74
C ASP A 63 -0.04 4.34 -24.11
N SER A 64 0.42 3.19 -23.60
CA SER A 64 -0.45 2.23 -22.94
C SER A 64 -0.40 2.48 -21.43
N LEU A 65 -0.95 3.63 -21.04
CA LEU A 65 -0.94 4.01 -19.63
C LEU A 65 -1.64 3.03 -18.71
N PRO A 66 -2.80 2.47 -19.02
CA PRO A 66 -3.43 1.54 -18.06
C PRO A 66 -2.54 0.36 -17.69
N ALA A 67 -1.67 -0.09 -18.58
CA ALA A 67 -0.81 -1.22 -18.25
C ALA A 67 0.16 -0.83 -17.15
N PHE A 68 0.36 -1.72 -16.18
CA PHE A 68 1.24 -1.40 -15.08
C PHE A 68 2.43 -2.35 -15.13
N ASP A 69 3.63 -1.78 -15.09
CA ASP A 69 4.83 -2.61 -15.19
C ASP A 69 4.99 -3.58 -14.04
N ASP A 70 4.79 -3.13 -12.80
CA ASP A 70 4.99 -4.05 -11.70
C ASP A 70 4.00 -3.89 -10.54
N PRO A 71 3.73 -4.97 -9.82
CA PRO A 71 2.80 -4.85 -8.70
C PRO A 71 3.42 -4.17 -7.49
N GLN A 72 4.74 -4.31 -7.33
CA GLN A 72 5.43 -3.74 -6.19
C GLN A 72 5.46 -2.22 -6.25
N ALA A 73 5.31 -1.61 -5.08
CA ALA A 73 5.36 -0.16 -4.96
C ALA A 73 6.76 0.39 -5.17
N GLY A 74 7.76 -0.20 -4.53
CA GLY A 74 9.11 0.28 -4.66
C GLY A 74 9.27 1.71 -4.18
N PHE A 75 8.67 2.04 -3.05
CA PHE A 75 8.75 3.40 -2.55
C PHE A 75 10.15 3.75 -2.06
N GLU A 76 10.61 4.93 -2.41
CA GLU A 76 11.89 5.45 -1.99
C GLU A 76 11.69 6.34 -0.78
N PRO A 77 12.25 6.01 0.35
CA PRO A 77 12.04 6.81 1.56
C PRO A 77 12.45 8.27 1.49
N ARG A 78 13.58 8.59 0.88
CA ARG A 78 14.07 9.96 0.78
C ARG A 78 14.23 10.61 2.15
N GLY A 79 14.98 9.96 3.05
CA GLY A 79 15.17 10.47 4.39
C GLY A 79 16.59 10.62 4.88
N SER A 80 17.54 10.94 4.00
CA SER A 80 18.97 11.10 4.26
C SER A 80 19.61 9.73 4.37
N LEU A 81 18.82 8.68 4.41
CA LEU A 81 19.30 7.31 4.46
C LEU A 81 18.89 6.56 3.22
N ILE A 82 17.69 6.82 2.70
CA ILE A 82 17.24 6.17 1.49
C ILE A 82 18.21 6.45 0.37
N ASN A 83 18.71 7.68 0.33
CA ASN A 83 19.68 8.03 -0.68
C ASN A 83 20.93 7.17 -0.50
N GLN A 84 21.43 7.05 0.73
CA GLN A 84 22.62 6.24 0.97
C GLN A 84 22.36 4.79 0.57
N ARG A 85 21.19 4.27 0.87
CA ARG A 85 20.87 2.90 0.52
C ARG A 85 20.87 2.71 -0.98
N ALA A 86 20.15 3.57 -1.68
CA ALA A 86 20.12 3.46 -3.12
C ALA A 86 21.53 3.53 -3.67
N GLN A 87 22.34 4.37 -3.06
CA GLN A 87 23.71 4.51 -3.51
C GLN A 87 24.48 3.22 -3.33
N ALA A 88 24.33 2.57 -2.17
CA ALA A 88 25.06 1.32 -1.95
C ALA A 88 24.63 0.30 -2.97
N TRP A 89 23.34 0.24 -3.24
CA TRP A 89 22.85 -0.69 -4.23
C TRP A 89 23.51 -0.40 -5.57
N ARG A 90 23.53 0.87 -5.95
CA ARG A 90 24.15 1.25 -7.21
C ARG A 90 25.63 0.89 -7.23
N ASN A 91 26.32 1.14 -6.14
CA ASN A 91 27.74 0.85 -6.08
C ASN A 91 27.98 -0.62 -6.29
N PHE A 92 27.24 -1.46 -5.59
CA PHE A 92 27.42 -2.88 -5.78
C PHE A 92 27.10 -3.28 -7.22
N LEU A 93 26.06 -2.68 -7.80
CA LEU A 93 25.68 -3.02 -9.16
C LEU A 93 26.75 -2.62 -10.17
N GLU A 94 27.49 -1.55 -9.88
CA GLU A 94 28.52 -1.07 -10.80
C GLU A 94 29.58 -2.13 -11.03
N ARG A 95 30.02 -2.79 -9.96
CA ARG A 95 31.03 -3.83 -10.06
C ARG A 95 31.07 -4.66 -8.79
N PHE A 155 12.81 -41.34 -5.73
CA PHE A 155 13.48 -41.74 -6.96
C PHE A 155 13.00 -40.87 -8.10
N PHE A 156 12.00 -41.37 -8.83
CA PHE A 156 11.46 -40.63 -9.96
C PHE A 156 10.86 -39.32 -9.49
N CYS A 157 11.14 -38.26 -10.26
CA CYS A 157 10.61 -36.92 -9.99
C CYS A 157 11.00 -36.38 -8.63
N SER A 158 12.28 -36.50 -8.26
CA SER A 158 12.75 -35.97 -6.98
C SER A 158 13.07 -34.49 -7.17
N ARG A 159 11.99 -33.73 -7.37
CA ARG A 159 12.07 -32.31 -7.64
C ARG A 159 12.68 -31.49 -6.51
N PRO A 160 13.50 -30.50 -6.84
CA PRO A 160 14.10 -29.64 -5.82
C PRO A 160 13.13 -28.54 -5.41
N LEU A 161 13.63 -27.57 -4.65
CA LEU A 161 12.79 -26.46 -4.22
C LEU A 161 12.31 -25.64 -5.41
N LEU A 162 13.10 -25.59 -6.49
CA LEU A 162 12.70 -24.81 -7.66
C LEU A 162 11.34 -25.24 -8.19
N GLY A 163 11.07 -26.54 -8.16
CA GLY A 163 9.78 -27.03 -8.62
C GLY A 163 8.73 -26.44 -7.70
N HIS A 164 7.65 -25.89 -8.26
CA HIS A 164 6.62 -25.28 -7.44
C HIS A 164 6.09 -26.29 -6.44
N ALA A 165 6.18 -25.94 -5.16
CA ALA A 165 5.75 -26.81 -4.07
C ALA A 165 4.37 -26.38 -3.58
N LYS A 166 3.54 -27.36 -3.26
CA LYS A 166 2.19 -27.13 -2.77
C LYS A 166 2.03 -27.94 -1.49
N LEU A 167 1.89 -27.25 -0.36
CA LEU A 167 1.75 -27.93 0.92
C LEU A 167 0.51 -27.45 1.63
N ILE A 168 -0.29 -28.40 2.11
CA ILE A 168 -1.49 -28.14 2.87
C ILE A 168 -1.32 -28.87 4.19
N LEU A 169 -1.47 -28.16 5.31
CA LEU A 169 -1.28 -28.78 6.62
C LEU A 169 -2.26 -28.23 7.65
N ARG A 170 -2.69 -29.12 8.54
CA ARG A 170 -3.58 -28.80 9.66
C ARG A 170 -4.71 -27.86 9.26
N ARG A 171 -5.48 -28.25 8.25
CA ARG A 171 -6.60 -27.44 7.81
C ARG A 171 -7.83 -28.30 7.68
N LYS A 172 -9.00 -27.67 7.72
CA LYS A 172 -10.23 -28.43 7.57
C LYS A 172 -10.25 -29.11 6.21
N ASP A 173 -9.91 -28.37 5.15
CA ASP A 173 -9.87 -28.97 3.82
C ASP A 173 -8.79 -30.03 3.73
N ALA A 174 -7.57 -29.68 4.11
CA ALA A 174 -6.49 -30.66 4.07
C ALA A 174 -6.77 -31.80 5.04
N GLY A 175 -7.47 -31.50 6.14
CA GLY A 175 -7.78 -32.54 7.10
C GLY A 175 -8.62 -33.65 6.50
N ASN A 176 -9.62 -33.28 5.72
CA ASN A 176 -10.43 -34.29 5.06
C ASN A 176 -9.55 -35.11 4.14
N LEU A 177 -8.60 -34.45 3.49
CA LEU A 177 -7.69 -35.12 2.57
C LEU A 177 -6.82 -36.14 3.29
N LEU A 178 -6.28 -35.77 4.45
CA LEU A 178 -5.41 -36.67 5.19
C LEU A 178 -6.19 -37.85 5.77
N ASN A 179 -7.38 -37.57 6.32
CA ASN A 179 -8.18 -38.66 6.88
C ASN A 179 -8.59 -39.64 5.79
N LEU A 180 -9.01 -39.13 4.62
CA LEU A 180 -9.38 -40.00 3.53
C LEU A 180 -8.16 -40.69 2.96
N GLU A 181 -7.01 -40.02 2.96
CA GLU A 181 -5.79 -40.63 2.49
C GLU A 181 -5.46 -41.84 3.34
N GLY A 182 -5.58 -41.69 4.66
CA GLY A 182 -5.33 -42.80 5.55
C GLY A 182 -6.36 -43.89 5.39
N ILE A 183 -7.59 -43.51 5.00
CA ILE A 183 -8.63 -44.51 4.81
C ILE A 183 -8.81 -44.90 3.35
N ARG A 184 -9.26 -43.96 2.52
CA ARG A 184 -9.51 -44.23 1.12
C ARG A 184 -8.44 -43.68 0.19
N GLU A 185 -7.33 -43.18 0.74
CA GLU A 185 -6.22 -42.64 -0.06
C GLU A 185 -6.65 -41.49 -0.97
N LEU A 186 -7.52 -40.61 -0.48
CA LEU A 186 -8.00 -39.51 -1.32
C LEU A 186 -6.89 -38.52 -1.65
N CYS A 187 -6.00 -38.25 -0.71
CA CYS A 187 -4.92 -37.30 -0.99
C CYS A 187 -4.08 -37.75 -2.17
N GLN A 188 -3.72 -39.04 -2.20
CA GLN A 188 -2.93 -39.55 -3.31
C GLN A 188 -3.67 -39.36 -4.63
N LEU A 189 -4.98 -39.59 -4.61
CA LEU A 189 -5.77 -39.42 -5.82
C LEU A 189 -5.82 -37.96 -6.24
N ASP A 190 -5.89 -37.05 -5.28
CA ASP A 190 -5.89 -35.62 -5.61
C ASP A 190 -4.56 -35.25 -6.26
N ALA A 191 -3.47 -35.76 -5.72
CA ALA A 191 -2.17 -35.49 -6.30
C ALA A 191 -2.10 -36.03 -7.73
N ASP A 192 -2.64 -37.23 -7.94
CA ASP A 192 -2.65 -37.80 -9.29
C ASP A 192 -3.48 -36.93 -10.22
N ILE A 193 -4.60 -36.41 -9.72
CA ILE A 193 -5.45 -35.56 -10.55
C ILE A 193 -4.70 -34.28 -10.91
N ARG A 194 -3.92 -33.76 -9.96
CA ARG A 194 -3.14 -32.56 -10.25
C ARG A 194 -2.10 -32.87 -11.31
N ARG A 195 -1.53 -34.08 -11.26
CA ARG A 195 -0.56 -34.48 -12.28
C ARG A 195 -1.25 -34.56 -13.64
N LEU A 196 -2.48 -35.06 -13.66
CA LEU A 196 -3.24 -35.15 -14.91
C LEU A 196 -3.49 -33.75 -15.45
N ASP A 197 -3.82 -32.81 -14.56
CA ASP A 197 -4.00 -31.43 -15.00
C ASP A 197 -2.68 -30.87 -15.50
N GLU A 198 -1.58 -31.28 -14.87
CA GLU A 198 -0.25 -30.83 -15.27
C GLU A 198 0.07 -31.27 -16.69
N PHE A 199 -0.32 -32.49 -17.04
CA PHE A 199 -0.06 -32.98 -18.39
C PHE A 199 -0.65 -32.03 -19.42
N GLN A 200 -1.82 -31.47 -19.13
CA GLN A 200 -2.46 -30.53 -20.05
C GLN A 200 -1.58 -29.30 -20.25
N SER A 201 -1.08 -28.73 -19.17
CA SER A 201 -0.22 -27.56 -19.23
C SER A 201 0.64 -27.54 -17.97
N CYS A 202 1.85 -27.03 -18.12
CA CYS A 202 2.82 -26.96 -17.02
C CYS A 202 3.24 -28.36 -16.60
N SER A 203 3.45 -29.22 -17.59
CA SER A 203 3.84 -30.61 -17.35
C SER A 203 5.24 -30.73 -16.75
N GLY A 210 12.95 -34.47 -19.49
CA GLY A 210 11.62 -34.93 -19.84
C GLY A 210 10.59 -34.73 -18.75
N ARG A 211 9.31 -34.71 -19.14
CA ARG A 211 8.23 -34.52 -18.19
C ARG A 211 8.17 -35.68 -17.19
N LEU A 212 8.00 -35.34 -15.92
CA LEU A 212 7.93 -36.32 -14.84
C LEU A 212 6.54 -36.29 -14.22
N CYS A 213 6.08 -37.44 -13.73
CA CYS A 213 4.75 -37.54 -13.15
C CYS A 213 4.58 -36.68 -11.91
N ARG A 214 5.29 -36.98 -10.83
CA ARG A 214 5.12 -36.18 -9.62
C ARG A 214 6.09 -36.45 -8.48
N THR A 215 6.49 -35.38 -7.80
CA THR A 215 7.32 -35.50 -6.60
C THR A 215 6.40 -35.94 -5.49
N TRP A 216 6.94 -36.61 -4.48
CA TRP A 216 6.07 -37.09 -3.42
C TRP A 216 6.66 -36.87 -2.04
N ASN A 217 5.78 -36.68 -1.07
CA ASN A 217 6.19 -36.53 0.32
C ASN A 217 5.62 -37.73 1.06
N LEU A 218 4.30 -37.83 1.06
CA LEU A 218 3.66 -38.99 1.67
C LEU A 218 3.77 -40.18 0.72
N PRO A 219 3.47 -40.06 -0.57
CA PRO A 219 3.63 -41.20 -1.45
C PRO A 219 5.06 -41.64 -1.58
N ASN A 220 6.02 -40.79 -1.26
CA ASN A 220 7.42 -41.18 -1.37
C ASN A 220 7.76 -42.30 -0.41
N TYR A 221 7.25 -42.21 0.83
CA TYR A 221 7.54 -43.23 1.83
C TYR A 221 7.15 -44.61 1.35
N VAL A 222 5.89 -44.79 1.00
CA VAL A 222 5.45 -46.10 0.53
C VAL A 222 5.95 -46.38 -0.88
N ALA A 223 6.43 -45.34 -1.57
CA ALA A 223 6.91 -45.52 -2.94
C ALA A 223 8.03 -46.56 -3.00
N VAL A 224 8.95 -46.51 -2.04
CA VAL A 224 10.04 -47.49 -2.04
C VAL A 224 9.46 -48.89 -2.05
N LEU A 225 8.47 -49.15 -1.19
CA LEU A 225 7.85 -50.46 -1.20
C LEU A 225 7.13 -50.69 -2.53
N ALA A 226 6.28 -49.74 -2.92
CA ALA A 226 5.54 -49.83 -4.17
C ALA A 226 4.75 -48.54 -4.37
N GLY A 227 4.52 -48.23 -5.64
CA GLY A 227 3.74 -47.06 -6.01
C GLY A 227 2.31 -47.55 -6.15
N LYS A 228 1.43 -47.06 -5.28
CA LYS A 228 0.05 -47.52 -5.34
C LYS A 228 -0.87 -46.44 -4.81
N THR A 229 -1.93 -46.15 -5.59
CA THR A 229 -2.89 -45.16 -5.15
C THR A 229 -3.74 -45.71 -4.01
N SER A 230 -3.69 -47.03 -3.79
CA SER A 230 -4.45 -47.66 -2.72
C SER A 230 -4.10 -47.08 -1.37
N CYS A 231 -2.81 -46.97 -1.07
CA CYS A 231 -2.30 -46.38 0.16
C CYS A 231 -2.90 -46.97 1.44
N HIS A 232 -2.58 -48.24 1.69
CA HIS A 232 -3.06 -48.88 2.90
C HIS A 232 -2.42 -48.24 4.13
N GLN A 233 -2.89 -48.63 5.31
CA GLN A 233 -2.37 -48.05 6.55
C GLN A 233 -1.09 -48.71 7.05
N LEU A 234 -0.89 -50.00 6.78
CA LEU A 234 0.32 -50.66 7.26
C LEU A 234 1.57 -49.98 6.71
N GLU A 235 1.55 -49.62 5.44
CA GLU A 235 2.70 -48.94 4.86
C GLU A 235 2.94 -47.63 5.59
N GLU A 236 1.87 -46.91 5.90
CA GLU A 236 2.01 -45.65 6.62
C GLU A 236 2.63 -45.87 7.99
N HIS A 237 2.23 -46.94 8.67
CA HIS A 237 2.80 -47.21 9.99
C HIS A 237 4.29 -47.50 9.87
N ASP A 238 4.67 -48.29 8.88
CA ASP A 238 6.10 -48.58 8.71
C ASP A 238 6.85 -47.30 8.39
N ILE A 239 6.27 -46.46 7.55
CA ILE A 239 6.90 -45.20 7.20
C ILE A 239 7.08 -44.34 8.43
N ARG A 240 6.06 -44.29 9.28
CA ARG A 240 6.17 -43.49 10.49
C ARG A 240 7.28 -44.03 11.38
N ASN A 241 7.39 -45.35 11.46
CA ASN A 241 8.46 -45.94 12.26
C ASN A 241 9.83 -45.52 11.74
N VAL A 242 10.02 -45.57 10.44
CA VAL A 242 11.31 -45.16 9.88
C VAL A 242 11.54 -43.67 10.09
N LEU A 243 10.47 -42.87 9.99
CA LEU A 243 10.60 -41.44 10.21
C LEU A 243 11.09 -41.17 11.61
N ASN A 244 10.52 -41.87 12.59
CA ASN A 244 10.97 -41.73 13.97
C ASN A 244 12.37 -42.30 14.14
N LEU A 245 12.70 -43.34 13.38
CA LEU A 245 14.03 -43.93 13.44
C LEU A 245 15.06 -42.95 12.91
N THR A 246 14.61 -41.95 12.13
CA THR A 246 15.46 -40.91 11.60
C THR A 246 15.70 -39.80 12.61
N ALA A 247 15.33 -40.01 13.87
CA ALA A 247 15.52 -38.99 14.90
C ALA A 247 17.00 -38.70 15.12
N THR A 248 17.86 -39.70 14.92
CA THR A 248 19.29 -39.49 15.12
C THR A 248 19.82 -38.41 14.19
N CYS A 249 19.47 -38.47 12.91
CA CYS A 249 19.95 -37.46 11.97
C CYS A 249 19.25 -36.13 12.20
N LEU A 250 17.95 -36.17 12.41
CA LEU A 250 17.16 -34.98 12.65
C LEU A 250 16.10 -35.32 13.69
N PRO A 251 16.24 -34.79 14.90
CA PRO A 251 15.27 -35.11 15.99
C PRO A 251 13.92 -34.49 15.71
N PHE A 252 12.87 -35.29 15.84
CA PHE A 252 11.53 -34.80 15.59
C PHE A 252 10.53 -35.58 16.40
N ILE A 287 17.42 -49.11 10.07
CA ILE A 287 17.70 -48.41 8.83
C ILE A 287 17.50 -46.92 9.00
N LYS A 288 16.51 -46.38 8.27
CA LYS A 288 16.11 -44.98 8.27
C LYS A 288 17.15 -44.10 7.60
N ASP A 289 18.37 -44.61 7.41
CA ASP A 289 19.38 -43.83 6.73
C ASP A 289 19.36 -44.14 5.25
N SER A 290 19.02 -45.39 4.92
CA SER A 290 18.93 -45.81 3.53
C SER A 290 17.85 -45.02 2.80
N SER A 291 16.83 -44.57 3.51
CA SER A 291 15.77 -43.78 2.90
C SER A 291 16.20 -42.30 2.92
N ILE A 292 17.42 -42.08 2.41
CA ILE A 292 17.99 -40.74 2.36
C ILE A 292 17.10 -39.82 1.54
N TYR A 293 16.68 -40.27 0.36
CA TYR A 293 15.78 -39.46 -0.44
C TYR A 293 14.51 -39.19 0.35
N HIS A 294 14.00 -40.24 1.02
CA HIS A 294 12.82 -40.05 1.84
C HIS A 294 13.12 -39.09 2.97
N LEU A 295 14.36 -39.11 3.48
CA LEU A 295 14.72 -38.17 4.52
C LEU A 295 14.60 -36.74 3.99
N LEU A 296 15.05 -36.53 2.75
CA LEU A 296 14.92 -35.20 2.16
C LEU A 296 13.44 -34.86 2.05
N TYR A 297 12.65 -35.84 1.67
CA TYR A 297 11.21 -35.63 1.59
C TYR A 297 10.68 -35.13 2.92
N PHE A 298 11.06 -35.80 4.00
CA PHE A 298 10.62 -35.37 5.32
C PHE A 298 11.09 -33.96 5.59
N ILE A 299 12.32 -33.63 5.20
CA ILE A 299 12.83 -32.29 5.41
C ILE A 299 11.88 -31.29 4.79
N SER A 300 11.41 -31.60 3.58
CA SER A 300 10.48 -30.71 2.92
C SER A 300 9.12 -30.73 3.63
N ASP A 301 8.72 -31.90 4.14
CA ASP A 301 7.43 -32.06 4.80
C ASP A 301 7.64 -32.44 6.26
N LYS A 302 7.59 -31.45 7.14
CA LYS A 302 7.78 -31.68 8.56
C LYS A 302 6.46 -31.96 9.27
N GLU A 303 6.56 -32.28 10.57
CA GLU A 303 5.42 -32.56 11.45
C GLU A 303 4.49 -33.64 10.89
N SER A 304 5.08 -34.68 10.31
CA SER A 304 4.32 -35.79 9.78
C SER A 304 5.02 -37.11 10.10
N ARG A 305 5.90 -37.07 11.10
CA ARG A 305 6.62 -38.27 11.50
C ARG A 305 6.21 -38.68 12.90
N GLU A 306 6.54 -37.85 13.89
CA GLU A 306 6.13 -38.14 15.25
C GLU A 306 4.63 -37.95 15.36
N THR A 307 4.13 -36.82 14.86
CA THR A 307 2.71 -36.58 14.86
C THR A 307 1.99 -37.60 13.98
N GLY A 308 2.62 -37.94 12.86
CA GLY A 308 2.08 -38.91 11.92
C GLY A 308 1.37 -38.24 10.75
N TYR A 309 1.13 -39.05 9.72
CA TYR A 309 0.44 -38.58 8.53
C TYR A 309 -1.03 -38.45 8.89
N SER A 310 -1.44 -37.24 9.28
CA SER A 310 -2.82 -37.04 9.68
C SER A 310 -3.23 -35.62 9.35
N SER A 311 -4.48 -35.32 9.70
CA SER A 311 -5.01 -33.98 9.49
C SER A 311 -4.17 -32.97 10.22
N MET A 312 -3.45 -33.42 11.25
CA MET A 312 -2.59 -32.56 12.05
C MET A 312 -1.28 -32.32 11.31
N LYS A 313 -1.14 -31.13 10.72
CA LYS A 313 0.06 -30.72 9.99
C LYS A 313 0.41 -31.74 8.89
N HIS A 314 -0.44 -31.80 7.87
CA HIS A 314 -0.21 -32.73 6.77
C HIS A 314 1.00 -32.31 5.92
N THR A 315 1.11 -31.03 5.61
CA THR A 315 2.23 -30.49 4.84
C THR A 315 2.47 -31.26 3.54
N LEU A 316 1.52 -31.12 2.61
CA LEU A 316 1.59 -31.81 1.31
C LEU A 316 2.98 -31.75 0.70
N ALA A 317 3.43 -30.54 0.39
CA ALA A 317 4.76 -30.33 -0.17
C ALA A 317 5.06 -31.27 -1.34
N VAL A 318 4.32 -31.09 -2.45
CA VAL A 318 4.52 -31.89 -3.65
C VAL A 318 4.76 -30.96 -4.82
N LEU A 319 5.56 -31.42 -5.78
CA LEU A 319 5.90 -30.61 -6.93
C LEU A 319 5.25 -31.14 -8.18
N PRO A 320 4.17 -30.54 -8.66
CA PRO A 320 3.54 -31.03 -9.89
C PRO A 320 4.27 -30.52 -11.11
N VAL A 321 4.79 -29.30 -11.00
CA VAL A 321 5.53 -28.66 -12.09
C VAL A 321 6.94 -28.39 -11.60
N TRP A 322 7.91 -28.70 -12.45
CA TRP A 322 9.31 -28.53 -12.14
C TRP A 322 9.87 -27.33 -12.89
N SER A 323 10.58 -26.47 -12.18
CA SER A 323 11.22 -25.28 -12.75
C SER A 323 10.28 -24.55 -13.71
N SER A 324 9.13 -24.12 -13.20
CA SER A 324 8.12 -23.44 -14.02
C SER A 324 7.60 -22.12 -13.44
N PRO A 325 8.31 -21.01 -13.62
CA PRO A 325 7.80 -19.71 -13.15
C PRO A 325 7.00 -18.92 -14.18
N ALA A 326 6.56 -19.54 -15.27
CA ALA A 326 5.81 -18.83 -16.29
C ALA A 326 4.41 -18.45 -15.80
N ALA A 327 3.83 -17.44 -16.46
CA ALA A 327 2.52 -16.93 -16.06
C ALA A 327 1.38 -17.91 -16.37
N LEU A 328 1.42 -18.55 -17.54
CA LEU A 328 0.35 -19.50 -17.87
C LEU A 328 0.28 -20.64 -16.87
N PRO A 329 1.39 -21.30 -16.50
CA PRO A 329 1.28 -22.33 -15.48
C PRO A 329 0.72 -21.76 -14.20
N LEU A 330 1.07 -20.51 -13.89
CA LEU A 330 0.56 -19.86 -12.69
C LEU A 330 -0.96 -19.74 -12.72
N TYR A 331 -1.50 -19.27 -13.84
CA TYR A 331 -2.95 -19.15 -13.94
C TYR A 331 -3.58 -20.50 -13.74
N ARG A 332 -3.05 -21.52 -14.43
CA ARG A 332 -3.59 -22.85 -14.21
C ARG A 332 -3.44 -23.26 -12.77
N ALA A 333 -2.39 -22.78 -12.11
CA ALA A 333 -2.15 -23.12 -10.72
C ALA A 333 -3.21 -22.53 -9.83
N LEU A 334 -3.68 -21.34 -10.13
CA LEU A 334 -4.72 -20.76 -9.30
C LEU A 334 -5.97 -21.63 -9.34
N GLN A 335 -6.40 -21.97 -10.56
CA GLN A 335 -7.57 -22.82 -10.68
C GLN A 335 -7.33 -24.16 -9.99
N TRP A 336 -6.13 -24.72 -10.18
CA TRP A 336 -5.80 -25.97 -9.52
C TRP A 336 -5.92 -25.82 -8.02
N GLY A 337 -5.49 -24.67 -7.49
CA GLY A 337 -5.62 -24.45 -6.09
C GLY A 337 -7.05 -24.37 -5.64
N ASN A 338 -7.96 -24.02 -6.53
CA ASN A 338 -9.36 -23.96 -6.13
C ASN A 338 -9.97 -25.35 -6.00
N PHE A 339 -9.14 -26.41 -6.03
CA PHE A 339 -9.61 -27.79 -5.95
C PHE A 339 -10.55 -28.12 -7.10
N THR A 340 -10.33 -27.46 -8.24
CA THR A 340 -11.17 -27.68 -9.41
C THR A 340 -10.83 -28.99 -10.10
N ARG A 341 -9.56 -29.39 -10.07
CA ARG A 341 -9.14 -30.64 -10.69
C ARG A 341 -9.74 -31.85 -9.98
N PRO A 347 -9.64 -35.15 -0.08
CA PRO A 347 -8.52 -34.92 -0.99
C PRO A 347 -8.33 -33.43 -1.28
N ILE A 348 -9.17 -32.61 -0.68
CA ILE A 348 -9.11 -31.17 -0.89
C ILE A 348 -7.75 -30.64 -0.48
N GLN A 349 -7.12 -29.86 -1.36
CA GLN A 349 -5.82 -29.27 -1.11
C GLN A 349 -6.04 -27.82 -0.69
N VAL A 350 -5.43 -27.45 0.44
CA VAL A 350 -5.63 -26.10 0.95
C VAL A 350 -4.68 -25.10 0.32
N ILE A 351 -3.38 -25.28 0.50
CA ILE A 351 -2.43 -24.30 0.01
C ILE A 351 -1.44 -24.87 -0.99
N GLY A 352 -1.03 -24.02 -1.92
CA GLY A 352 -0.05 -24.36 -2.94
C GLY A 352 0.82 -23.15 -3.16
N MET A 353 1.95 -23.33 -3.82
CA MET A 353 2.83 -22.20 -4.02
C MET A 353 3.47 -22.22 -5.39
N GLU A 354 4.09 -21.09 -5.74
CA GLU A 354 4.77 -20.88 -7.01
C GLU A 354 5.71 -19.69 -6.86
N MET A 355 6.86 -19.79 -7.51
CA MET A 355 7.87 -18.74 -7.49
C MET A 355 7.90 -18.06 -8.84
N GLY A 356 8.17 -16.75 -8.86
CA GLY A 356 8.18 -16.04 -10.12
C GLY A 356 6.73 -15.93 -10.56
N LEU A 357 6.10 -17.10 -10.68
CA LEU A 357 4.69 -17.18 -11.00
C LEU A 357 3.86 -16.47 -9.95
N GLY A 358 4.37 -16.37 -8.72
CA GLY A 358 3.65 -15.64 -7.69
C GLY A 358 3.54 -14.17 -8.04
N ASP A 359 4.61 -13.60 -8.58
CA ASP A 359 4.57 -12.19 -8.97
C ASP A 359 3.57 -11.99 -10.10
N ARG A 360 3.57 -12.89 -11.08
CA ARG A 360 2.62 -12.78 -12.16
C ARG A 360 1.22 -12.87 -11.61
N LEU A 361 1.01 -13.74 -10.64
CA LEU A 361 -0.30 -13.87 -10.04
C LEU A 361 -0.68 -12.58 -9.36
N PHE A 362 0.25 -11.96 -8.65
CA PHE A 362 -0.07 -10.69 -7.98
C PHE A 362 -0.48 -9.68 -9.04
N ASN A 363 0.19 -9.70 -10.18
CA ASN A 363 -0.17 -8.79 -11.25
C ASN A 363 -1.59 -9.08 -11.72
N THR A 364 -1.91 -10.35 -11.90
CA THR A 364 -3.25 -10.71 -12.31
C THR A 364 -4.25 -10.28 -11.26
N ALA A 365 -3.83 -10.32 -10.00
CA ALA A 365 -4.70 -9.90 -8.94
C ALA A 365 -5.02 -8.43 -9.11
N LEU A 366 -3.99 -7.62 -9.26
CA LEU A 366 -4.23 -6.20 -9.47
C LEU A 366 -5.15 -6.00 -10.67
N LEU A 367 -4.99 -6.83 -11.70
CA LEU A 367 -5.84 -6.68 -12.86
C LEU A 367 -7.30 -6.98 -12.58
N GLU A 368 -7.59 -8.25 -12.34
CA GLU A 368 -8.96 -8.71 -12.16
C GLU A 368 -9.65 -8.11 -10.94
N ASP A 369 -9.02 -8.20 -9.76
CA ASP A 369 -9.66 -7.69 -8.55
C ASP A 369 -9.96 -6.21 -8.64
N THR A 370 -9.00 -5.41 -9.06
CA THR A 370 -9.25 -3.98 -9.16
C THR A 370 -10.31 -3.69 -10.22
N LEU A 371 -10.28 -4.43 -11.33
CA LEU A 371 -11.30 -4.20 -12.33
C LEU A 371 -12.70 -4.47 -11.77
N TYR A 372 -12.84 -5.57 -11.04
CA TYR A 372 -14.14 -5.91 -10.48
C TYR A 372 -14.60 -4.87 -9.48
N VAL A 373 -13.73 -4.48 -8.56
CA VAL A 373 -14.11 -3.49 -7.56
C VAL A 373 -14.49 -2.17 -8.23
N GLY A 374 -13.73 -1.76 -9.24
CA GLY A 374 -14.05 -0.52 -9.93
C GLY A 374 -15.37 -0.58 -10.65
N VAL A 375 -15.64 -1.70 -11.32
CA VAL A 375 -16.92 -1.84 -12.02
C VAL A 375 -18.05 -1.74 -11.01
N ALA A 376 -17.92 -2.47 -9.90
CA ALA A 376 -18.96 -2.40 -8.88
C ALA A 376 -19.11 -0.97 -8.39
N ALA A 377 -17.99 -0.26 -8.27
CA ALA A 377 -18.05 1.11 -7.82
C ALA A 377 -18.84 1.96 -8.78
N GLY A 378 -18.59 1.80 -10.07
CA GLY A 378 -19.33 2.57 -11.05
C GLY A 378 -20.81 2.26 -10.96
N VAL A 379 -21.14 0.98 -10.78
CA VAL A 379 -22.53 0.57 -10.69
C VAL A 379 -23.20 1.22 -9.49
N VAL A 380 -22.54 1.14 -8.33
CA VAL A 380 -23.10 1.73 -7.12
C VAL A 380 -23.31 3.21 -7.30
N VAL A 381 -22.32 3.88 -7.89
CA VAL A 381 -22.43 5.31 -8.09
C VAL A 381 -23.65 5.61 -8.95
N VAL A 382 -23.84 4.83 -10.02
CA VAL A 382 -24.97 5.06 -10.90
C VAL A 382 -26.26 4.86 -10.12
N VAL A 383 -26.31 3.80 -9.34
CA VAL A 383 -27.50 3.52 -8.55
C VAL A 383 -27.79 4.68 -7.64
N LEU A 384 -26.75 5.19 -6.98
CA LEU A 384 -26.92 6.32 -6.07
C LEU A 384 -27.40 7.54 -6.80
N TRP A 385 -26.85 7.78 -8.00
CA TRP A 385 -27.25 8.94 -8.77
C TRP A 385 -28.73 8.87 -9.12
N LEU A 386 -29.17 7.71 -9.59
CA LEU A 386 -30.58 7.57 -9.90
C LEU A 386 -31.40 7.75 -8.65
N TYR A 387 -30.92 7.20 -7.54
CA TYR A 387 -31.65 7.30 -6.28
C TYR A 387 -31.81 8.75 -5.85
N THR A 388 -30.74 9.52 -5.93
CA THR A 388 -30.80 10.90 -5.50
C THR A 388 -31.55 11.77 -6.50
N GLY A 389 -31.01 11.89 -7.72
CA GLY A 389 -31.59 12.72 -8.75
C GLY A 389 -32.51 12.10 -9.78
N SER A 390 -32.64 10.77 -9.84
CA SER A 390 -33.50 10.13 -10.83
C SER A 390 -33.09 10.55 -12.24
N LEU A 391 -31.78 10.70 -12.44
CA LEU A 391 -31.22 11.06 -13.74
C LEU A 391 -30.65 9.81 -14.36
N PHE A 392 -31.21 9.42 -15.50
CA PHE A 392 -30.77 8.20 -16.16
C PHE A 392 -29.66 8.41 -17.17
N VAL A 393 -29.47 9.62 -17.69
CA VAL A 393 -28.42 9.81 -18.67
C VAL A 393 -27.43 10.85 -18.15
N THR A 394 -27.96 11.96 -17.65
CA THR A 394 -27.09 13.00 -17.14
C THR A 394 -26.27 12.47 -15.97
N LEU A 395 -26.90 11.73 -15.07
CA LEU A 395 -26.16 11.16 -13.96
C LEU A 395 -25.13 10.18 -14.49
N MET A 396 -25.55 9.31 -15.40
CA MET A 396 -24.60 8.39 -16.01
C MET A 396 -23.50 9.17 -16.67
N ASN A 397 -23.87 10.26 -17.32
CA ASN A 397 -22.89 11.11 -17.92
C ASN A 397 -21.93 11.60 -16.87
N LEU A 398 -22.42 11.80 -15.65
CA LEU A 398 -21.52 12.23 -14.59
C LEU A 398 -20.49 11.15 -14.32
N MET A 399 -20.95 9.91 -14.27
CA MET A 399 -20.00 8.82 -14.06
C MET A 399 -19.00 8.77 -15.20
N ALA A 400 -19.51 8.85 -16.41
CA ALA A 400 -18.64 8.87 -17.56
C ALA A 400 -17.70 10.05 -17.45
N ILE A 401 -18.17 11.12 -16.84
CA ILE A 401 -17.34 12.28 -16.65
C ILE A 401 -16.22 11.92 -15.69
N PHE A 402 -16.52 11.08 -14.71
CA PHE A 402 -15.47 10.67 -13.81
C PHE A 402 -14.38 9.99 -14.60
N PHE A 403 -14.79 9.12 -15.51
CA PHE A 403 -13.81 8.47 -16.36
C PHE A 403 -13.06 9.49 -17.19
N SER A 404 -13.80 10.47 -17.71
CA SER A 404 -13.21 11.55 -18.49
C SER A 404 -12.14 12.24 -17.66
N LEU A 405 -12.46 12.45 -16.40
CA LEU A 405 -11.53 13.08 -15.50
C LEU A 405 -10.28 12.25 -15.41
N VAL A 406 -10.46 10.95 -15.22
CA VAL A 406 -9.30 10.08 -15.15
C VAL A 406 -8.49 10.23 -16.42
N VAL A 407 -9.19 10.37 -17.54
CA VAL A 407 -8.52 10.51 -18.81
C VAL A 407 -7.68 11.77 -18.81
N SER A 408 -8.27 12.86 -18.37
CA SER A 408 -7.53 14.12 -18.35
C SER A 408 -6.31 14.01 -17.45
N TYR A 409 -6.49 13.39 -16.30
CA TYR A 409 -5.39 13.21 -15.37
C TYR A 409 -4.28 12.42 -16.03
N PHE A 410 -4.64 11.28 -16.60
CA PHE A 410 -3.67 10.47 -17.28
C PHE A 410 -2.93 11.27 -18.34
N LEU A 411 -3.67 12.02 -19.14
CA LEU A 411 -3.09 12.81 -20.22
C LEU A 411 -2.06 13.80 -19.71
N TYR A 412 -2.50 14.72 -18.87
CA TYR A 412 -1.59 15.74 -18.37
C TYR A 412 -0.41 15.12 -17.63
N VAL A 413 -0.66 14.07 -16.84
CA VAL A 413 0.41 13.47 -16.08
C VAL A 413 1.44 12.85 -16.99
N PHE A 414 1.00 12.13 -18.03
CA PHE A 414 1.92 11.47 -18.93
C PHE A 414 2.99 12.43 -19.44
N VAL A 415 2.59 13.65 -19.78
CA VAL A 415 3.54 14.63 -20.28
C VAL A 415 4.60 14.91 -19.22
N PHE A 416 4.18 15.20 -18.00
CA PHE A 416 5.13 15.52 -16.94
C PHE A 416 5.88 14.32 -16.36
N ARG A 417 5.31 13.11 -16.37
CA ARG A 417 5.99 11.96 -15.80
C ARG A 417 5.21 10.69 -16.09
N LEU A 418 5.82 9.55 -15.73
CA LEU A 418 5.12 8.29 -15.93
C LEU A 418 3.87 8.24 -15.06
N THR A 419 3.99 8.65 -13.79
CA THR A 419 2.88 8.70 -12.83
C THR A 419 2.09 7.40 -12.77
N PHE A 420 2.79 6.27 -12.59
CA PHE A 420 2.15 4.96 -12.54
C PHE A 420 2.43 4.28 -11.21
N PHE A 421 1.37 3.73 -10.61
CA PHE A 421 1.39 2.98 -9.37
C PHE A 421 0.06 2.28 -9.21
N PRO A 422 0.06 0.98 -8.91
CA PRO A 422 -1.22 0.28 -8.74
C PRO A 422 -2.12 0.97 -7.76
N PHE A 423 -1.59 1.25 -6.58
CA PHE A 423 -2.40 1.95 -5.58
C PHE A 423 -2.80 3.30 -6.11
N MET A 424 -2.00 3.87 -7.01
CA MET A 424 -2.40 5.15 -7.56
C MET A 424 -3.71 4.98 -8.30
N ASN A 425 -3.82 3.90 -9.07
CA ASN A 425 -5.07 3.65 -9.77
C ASN A 425 -6.20 3.37 -8.80
N LEU A 426 -5.91 2.60 -7.75
CA LEU A 426 -6.94 2.27 -6.76
C LEU A 426 -7.49 3.54 -6.11
N LEU A 427 -6.58 4.37 -5.61
CA LEU A 427 -7.01 5.63 -5.01
C LEU A 427 -7.67 6.49 -6.05
N THR A 428 -7.26 6.35 -7.30
CA THR A 428 -7.87 7.14 -8.36
C THR A 428 -9.34 6.78 -8.49
N CYS A 429 -9.63 5.50 -8.58
CA CYS A 429 -11.02 5.09 -8.68
C CYS A 429 -11.80 5.50 -7.44
N VAL A 430 -11.23 5.26 -6.26
CA VAL A 430 -11.95 5.60 -5.02
C VAL A 430 -12.22 7.08 -4.95
N ILE A 431 -11.18 7.89 -5.14
CA ILE A 431 -11.32 9.32 -5.08
C ILE A 431 -12.33 9.79 -6.11
N ILE A 432 -12.25 9.27 -7.32
CA ILE A 432 -13.20 9.70 -8.33
C ILE A 432 -14.60 9.41 -7.86
N VAL A 433 -14.82 8.21 -7.36
CA VAL A 433 -16.16 7.87 -6.92
C VAL A 433 -16.64 8.87 -5.89
N ALA A 434 -15.83 9.13 -4.88
CA ALA A 434 -16.26 10.04 -3.84
C ALA A 434 -16.49 11.46 -4.36
N ILE A 435 -15.52 12.00 -5.07
CA ILE A 435 -15.65 13.37 -5.56
C ILE A 435 -16.87 13.50 -6.46
N GLY A 436 -17.00 12.63 -7.44
CA GLY A 436 -18.15 12.70 -8.32
C GLY A 436 -19.41 12.57 -7.52
N ALA A 437 -19.39 11.74 -6.48
CA ALA A 437 -20.55 11.60 -5.65
C ALA A 437 -20.89 12.94 -5.04
N ASP A 438 -19.87 13.64 -4.56
CA ASP A 438 -20.08 14.93 -3.95
C ASP A 438 -20.67 15.90 -4.95
N ALA A 439 -20.13 15.87 -6.16
CA ALA A 439 -20.64 16.77 -7.20
C ALA A 439 -22.08 16.48 -7.49
N LEU A 440 -22.41 15.21 -7.66
CA LEU A 440 -23.78 14.83 -7.91
C LEU A 440 -24.65 15.29 -6.76
N VAL A 441 -24.14 15.15 -5.54
CA VAL A 441 -24.87 15.60 -4.37
C VAL A 441 -25.15 17.07 -4.49
N ILE A 442 -24.16 17.81 -4.94
CA ILE A 442 -24.31 19.25 -5.10
C ILE A 442 -25.40 19.53 -6.12
N PHE A 443 -25.30 18.90 -7.27
CA PHE A 443 -26.29 19.12 -8.32
C PHE A 443 -27.68 18.79 -7.82
N ALA A 444 -27.80 17.70 -7.07
CA ALA A 444 -29.09 17.31 -6.56
C ALA A 444 -29.62 18.36 -5.60
N ARG A 445 -28.75 18.86 -4.73
CA ARG A 445 -29.19 19.89 -3.80
C ARG A 445 -29.75 21.06 -4.58
N LEU A 446 -29.06 21.42 -5.65
CA LEU A 446 -29.54 22.53 -6.46
C LEU A 446 -30.89 22.21 -7.07
N TRP A 447 -31.05 20.99 -7.57
CA TRP A 447 -32.32 20.62 -8.16
C TRP A 447 -33.45 20.70 -7.13
N HIS A 448 -33.15 20.27 -5.91
CA HIS A 448 -34.15 20.32 -4.84
C HIS A 448 -34.51 21.76 -4.54
N LEU A 449 -33.51 22.65 -4.50
CA LEU A 449 -33.81 24.05 -4.24
C LEU A 449 -34.60 24.64 -5.40
N ALA A 450 -34.39 24.13 -6.62
CA ALA A 450 -35.11 24.60 -7.78
C ALA A 450 -36.59 24.24 -7.69
N LYS A 451 -36.88 23.05 -7.21
CA LYS A 451 -38.25 22.60 -7.06
C LYS A 451 -39.02 23.50 -6.11
N ARG A 458 -35.80 34.45 -13.37
CA ARG A 458 -36.09 33.29 -14.21
C ARG A 458 -35.67 32.00 -13.54
N PHE A 459 -36.29 30.90 -13.97
CA PHE A 459 -35.96 29.60 -13.40
C PHE A 459 -34.52 29.21 -13.73
N GLU A 460 -34.08 29.50 -14.95
CA GLU A 460 -32.70 29.18 -15.31
C GLU A 460 -31.72 30.05 -14.53
N LYS A 461 -32.08 31.31 -14.31
CA LYS A 461 -31.20 32.21 -13.55
C LYS A 461 -31.06 31.73 -12.11
N VAL A 462 -32.18 31.34 -11.49
CA VAL A 462 -32.11 30.82 -10.13
C VAL A 462 -31.32 29.52 -10.14
N VAL A 463 -31.48 28.74 -11.20
CA VAL A 463 -30.72 27.50 -11.33
C VAL A 463 -29.25 27.83 -11.33
N HIS A 464 -28.90 28.90 -12.03
CA HIS A 464 -27.52 29.33 -12.08
C HIS A 464 -27.04 29.76 -10.71
N ALA A 465 -27.88 30.48 -9.96
CA ALA A 465 -27.49 30.91 -8.63
C ALA A 465 -27.22 29.69 -7.76
N THR A 466 -28.09 28.68 -7.87
CA THR A 466 -27.90 27.45 -7.14
C THR A 466 -26.61 26.80 -7.57
N PHE A 467 -26.31 26.89 -8.86
CA PHE A 467 -25.08 26.36 -9.38
C PHE A 467 -23.91 27.03 -8.71
N ARG A 468 -24.01 28.33 -8.48
CA ARG A 468 -22.94 29.06 -7.82
C ARG A 468 -22.76 28.58 -6.38
N HIS A 469 -23.87 28.56 -5.64
CA HIS A 469 -23.80 28.10 -4.26
C HIS A 469 -23.16 26.73 -4.18
N ALA A 470 -23.60 25.81 -5.02
CA ALA A 470 -23.02 24.48 -5.03
C ALA A 470 -21.58 24.52 -5.47
N ALA A 471 -21.27 25.37 -6.45
CA ALA A 471 -19.92 25.50 -6.93
C ALA A 471 -18.99 25.75 -5.78
N GLN A 472 -19.47 26.49 -4.79
CA GLN A 472 -18.64 26.72 -3.61
C GLN A 472 -18.25 25.41 -2.98
N ALA A 473 -19.22 24.52 -2.77
CA ALA A 473 -18.93 23.23 -2.16
C ALA A 473 -18.01 22.43 -3.05
N ILE A 474 -18.25 22.48 -4.35
CA ILE A 474 -17.40 21.76 -5.27
C ILE A 474 -15.97 22.22 -5.09
N LEU A 475 -15.81 23.54 -5.03
CA LEU A 475 -14.50 24.13 -4.84
C LEU A 475 -13.89 23.66 -3.53
N VAL A 476 -14.69 23.59 -2.48
CA VAL A 476 -14.17 23.13 -1.20
C VAL A 476 -13.64 21.72 -1.35
N SER A 477 -14.44 20.85 -1.95
CA SER A 477 -14.03 19.47 -2.15
C SER A 477 -12.71 19.43 -2.90
N SER A 478 -12.67 20.14 -4.01
CA SER A 478 -11.45 20.17 -4.81
C SER A 478 -10.29 20.62 -3.95
N LEU A 479 -10.51 21.60 -3.09
CA LEU A 479 -9.43 22.05 -2.24
C LEU A 479 -8.92 20.91 -1.40
N THR A 480 -9.85 20.16 -0.81
CA THR A 480 -9.46 19.05 0.02
C THR A 480 -8.61 18.08 -0.76
N ALA A 481 -9.07 17.70 -1.93
CA ALA A 481 -8.33 16.75 -2.74
C ALA A 481 -6.95 17.27 -3.09
N SER A 482 -6.87 18.52 -3.54
CA SER A 482 -5.59 19.09 -3.94
C SER A 482 -4.61 19.09 -2.79
N ALA A 483 -5.07 19.51 -1.62
CA ALA A 483 -4.17 19.51 -0.48
C ALA A 483 -3.77 18.09 -0.15
N ALA A 484 -4.68 17.14 -0.34
CA ALA A 484 -4.33 15.75 -0.10
C ALA A 484 -3.19 15.37 -1.02
N LEU A 485 -3.29 15.80 -2.26
CA LEU A 485 -2.23 15.55 -3.21
C LEU A 485 -0.94 16.16 -2.70
N PHE A 486 -1.04 17.37 -2.16
CA PHE A 486 0.14 18.03 -1.63
C PHE A 486 0.76 17.19 -0.54
N SER A 487 -0.08 16.59 0.30
CA SER A 487 0.41 15.76 1.38
C SER A 487 1.17 14.57 0.83
N ASP A 488 0.59 13.91 -0.16
CA ASP A 488 1.24 12.74 -0.72
C ASP A 488 2.47 13.12 -1.54
N ILE A 489 2.58 14.38 -1.93
CA ILE A 489 3.76 14.79 -2.68
C ILE A 489 4.85 15.33 -1.77
N VAL A 490 4.50 15.78 -0.57
CA VAL A 490 5.50 16.30 0.35
C VAL A 490 6.50 15.21 0.70
N ASN A 491 6.00 14.02 1.04
CA ASN A 491 6.85 12.89 1.36
C ASN A 491 7.10 12.11 0.09
N PRO A 492 8.26 12.20 -0.47
CA PRO A 492 8.48 11.49 -1.72
C PRO A 492 8.56 9.98 -1.52
N ILE A 493 7.49 9.31 -1.95
CA ILE A 493 7.38 7.86 -1.93
C ILE A 493 6.88 7.48 -3.31
N ILE A 494 7.60 6.56 -3.97
CA ILE A 494 7.25 6.14 -5.32
C ILE A 494 5.76 5.89 -5.41
N ALA A 495 5.16 5.39 -4.33
CA ALA A 495 3.73 5.14 -4.34
C ALA A 495 2.93 6.37 -3.94
N ILE A 496 3.25 6.99 -2.81
CA ILE A 496 2.50 8.15 -2.36
C ILE A 496 2.51 9.26 -3.41
N ARG A 497 3.68 9.53 -4.02
CA ARG A 497 3.77 10.59 -5.01
C ARG A 497 2.80 10.38 -6.16
N CYS A 498 2.73 9.16 -6.69
CA CYS A 498 1.82 8.92 -7.79
C CYS A 498 0.38 9.13 -7.36
N PHE A 499 0.01 8.63 -6.19
CA PHE A 499 -1.35 8.84 -5.73
C PHE A 499 -1.66 10.31 -5.70
N SER A 500 -0.73 11.10 -5.18
CA SER A 500 -0.92 12.54 -5.13
C SER A 500 -1.18 13.13 -6.50
N ILE A 501 -0.31 12.82 -7.45
CA ILE A 501 -0.49 13.40 -8.78
C ILE A 501 -1.85 13.01 -9.34
N PHE A 502 -2.19 11.73 -9.27
CA PHE A 502 -3.48 11.33 -9.81
C PHE A 502 -4.59 12.07 -9.11
N ALA A 503 -4.46 12.26 -7.82
CA ALA A 503 -5.49 12.97 -7.09
C ALA A 503 -5.63 14.40 -7.56
N GLY A 504 -4.53 15.11 -7.66
CA GLY A 504 -4.57 16.50 -8.05
C GLY A 504 -5.14 16.71 -9.42
N LEU A 505 -4.63 15.95 -10.37
CA LEU A 505 -5.15 16.09 -11.71
C LEU A 505 -6.63 15.72 -11.73
N THR A 506 -6.99 14.61 -11.10
CA THR A 506 -8.39 14.23 -11.06
C THR A 506 -9.22 15.27 -10.36
N VAL A 507 -8.63 15.98 -9.41
CA VAL A 507 -9.38 16.98 -8.67
C VAL A 507 -9.72 18.15 -9.58
N LEU A 508 -8.72 18.72 -10.24
CA LEU A 508 -9.03 19.81 -11.14
C LEU A 508 -10.02 19.33 -12.18
N VAL A 509 -9.88 18.05 -12.53
CA VAL A 509 -10.79 17.45 -13.47
C VAL A 509 -12.18 17.44 -12.88
N HIS A 510 -12.26 17.17 -11.59
CA HIS A 510 -13.55 17.17 -10.92
C HIS A 510 -14.13 18.56 -10.92
N LEU A 511 -13.29 19.57 -10.94
CA LEU A 511 -13.79 20.94 -11.00
C LEU A 511 -14.43 21.18 -12.35
N PHE A 512 -13.69 20.88 -13.41
CA PHE A 512 -14.27 21.03 -14.74
C PHE A 512 -15.52 20.17 -14.80
N PHE A 513 -15.49 19.06 -14.07
CA PHE A 513 -16.63 18.19 -13.99
C PHE A 513 -17.74 18.89 -13.24
N ALA A 514 -17.39 19.72 -12.27
CA ALA A 514 -18.43 20.43 -11.55
C ALA A 514 -19.15 21.31 -12.53
N VAL A 515 -18.41 21.81 -13.50
CA VAL A 515 -19.01 22.61 -14.54
C VAL A 515 -19.88 21.74 -15.43
N THR A 516 -19.29 20.71 -16.01
CA THR A 516 -20.01 19.80 -16.89
C THR A 516 -21.24 19.22 -16.21
N TRP A 517 -21.10 18.82 -14.95
CA TRP A 517 -22.23 18.29 -14.21
C TRP A 517 -23.33 19.30 -14.21
N MET A 518 -22.99 20.53 -13.90
CA MET A 518 -23.99 21.58 -13.99
C MET A 518 -24.55 21.55 -15.41
N PRO A 519 -23.73 21.48 -16.45
CA PRO A 519 -24.30 21.39 -17.80
C PRO A 519 -25.16 20.16 -17.95
N ALA A 520 -24.76 19.06 -17.34
CA ALA A 520 -25.56 17.85 -17.43
C ALA A 520 -26.92 18.10 -16.81
N CYS A 521 -26.95 18.75 -15.66
CA CYS A 521 -28.22 19.04 -15.05
C CYS A 521 -29.03 19.95 -15.95
N PHE A 522 -28.37 20.92 -16.58
CA PHE A 522 -29.08 21.82 -17.47
C PHE A 522 -29.74 21.07 -18.59
N VAL A 523 -29.02 20.13 -19.19
CA VAL A 523 -29.60 19.33 -20.27
C VAL A 523 -30.78 18.55 -19.73
N VAL A 524 -30.62 17.99 -18.54
CA VAL A 524 -31.72 17.26 -17.93
C VAL A 524 -32.95 18.14 -17.87
N ALA A 525 -32.75 19.39 -17.49
CA ALA A 525 -33.86 20.32 -17.44
C ALA A 525 -34.40 20.57 -18.85
N ASP A 526 -33.52 20.66 -19.83
CA ASP A 526 -33.93 20.92 -21.20
C ASP A 526 -34.73 19.78 -21.78
N LYS A 527 -34.57 18.58 -21.26
CA LYS A 527 -35.30 17.46 -21.82
C LYS A 527 -35.55 16.39 -20.76
N TRP A 528 -36.79 15.92 -20.70
CA TRP A 528 -37.19 14.87 -19.78
C TRP A 528 -37.71 13.72 -20.63
N GLY A 529 -37.14 12.54 -20.44
CA GLY A 529 -37.57 11.39 -21.20
C GLY A 529 -37.01 11.36 -22.60
N SER A 530 -37.41 10.32 -23.33
CA SER A 530 -36.95 10.16 -24.69
C SER A 530 -37.41 11.30 -25.59
N SER A 531 -38.67 11.69 -25.46
CA SER A 531 -39.23 12.77 -26.28
C SER A 531 -40.50 13.34 -25.65
N ARG A 555 -40.98 6.21 -16.28
CA ARG A 555 -40.91 7.35 -15.38
C ARG A 555 -41.05 6.89 -13.95
N GLN A 556 -40.16 7.37 -13.09
CA GLN A 556 -40.15 7.02 -11.67
C GLN A 556 -40.45 8.25 -10.83
N TYR A 557 -41.48 8.17 -10.00
CA TYR A 557 -41.80 9.30 -9.15
C TYR A 557 -40.64 9.61 -8.21
N CYS A 558 -39.91 8.57 -7.80
CA CYS A 558 -38.77 8.71 -6.92
C CYS A 558 -39.12 9.52 -5.68
N ASP A 559 -40.10 9.07 -4.92
CA ASP A 559 -40.51 9.78 -3.72
C ASP A 559 -40.81 8.79 -2.60
N TYR A 560 -40.29 9.10 -1.40
CA TYR A 560 -40.48 8.30 -0.20
C TYR A 560 -41.22 9.17 0.81
N PHE A 561 -42.31 8.63 1.36
CA PHE A 561 -43.10 9.39 2.32
C PHE A 561 -42.33 9.67 3.60
N ARG A 562 -42.34 10.95 4.00
CA ARG A 562 -41.72 11.43 5.22
C ARG A 562 -40.26 11.06 5.41
N ILE A 563 -39.55 10.69 4.35
CA ILE A 563 -38.13 10.34 4.45
C ILE A 563 -37.31 11.59 4.69
N PHE A 564 -37.51 12.61 3.86
CA PHE A 564 -36.82 13.86 4.06
C PHE A 564 -37.22 14.42 5.42
N PHE A 565 -38.51 14.31 5.73
CA PHE A 565 -38.98 14.78 7.02
C PHE A 565 -38.39 13.95 8.15
N GLU A 566 -38.22 12.65 7.92
CA GLU A 566 -37.61 11.82 8.95
C GLU A 566 -36.19 12.29 9.22
N LYS A 567 -35.44 12.57 8.16
CA LYS A 567 -34.09 13.08 8.35
C LYS A 567 -34.14 14.43 9.05
N LEU A 568 -35.09 15.29 8.65
CA LEU A 568 -35.24 16.59 9.27
C LEU A 568 -35.46 16.41 10.76
N LEU A 569 -36.37 15.53 11.13
CA LEU A 569 -36.59 15.23 12.52
C LEU A 569 -35.30 14.73 13.13
N PRO A 570 -34.53 13.85 12.47
CA PRO A 570 -33.26 13.42 13.07
C PRO A 570 -32.35 14.59 13.32
N CYS A 571 -32.31 15.52 12.37
CA CYS A 571 -31.50 16.70 12.57
C CYS A 571 -32.02 17.48 13.76
N LEU A 572 -33.33 17.54 13.90
CA LEU A 572 -33.93 18.26 15.01
C LEU A 572 -33.55 17.65 16.35
N VAL A 573 -33.60 16.31 16.45
CA VAL A 573 -33.26 15.66 17.71
C VAL A 573 -31.79 15.89 18.03
N ILE A 574 -30.94 15.71 17.02
CA ILE A 574 -29.52 15.97 17.25
C ILE A 574 -29.35 17.39 17.75
N ARG A 575 -30.06 18.33 17.13
CA ARG A 575 -29.91 19.74 17.50
C ARG A 575 -30.47 20.06 18.88
N LEU A 576 -31.56 19.41 19.26
CA LEU A 576 -32.18 19.71 20.54
C LEU A 576 -31.21 19.40 21.66
N LYS A 577 -30.53 18.26 21.58
CA LYS A 577 -29.52 17.95 22.58
C LYS A 577 -28.16 18.46 22.11
N TRP A 578 -28.04 19.76 21.90
CA TRP A 578 -26.79 20.32 21.41
C TRP A 578 -25.67 20.11 22.41
N MET A 579 -25.94 20.37 23.68
CA MET A 579 -24.94 20.18 24.73
C MET A 579 -24.54 18.73 24.88
N TRP A 580 -25.51 17.84 24.84
CA TRP A 580 -25.23 16.42 25.03
C TRP A 580 -24.41 15.84 23.89
N MET A 581 -24.79 16.17 22.66
CA MET A 581 -24.08 15.64 21.51
C MET A 581 -22.67 16.22 21.46
N ALA A 582 -22.52 17.48 21.84
CA ALA A 582 -21.22 18.11 21.84
C ALA A 582 -20.29 17.36 22.79
N SER A 583 -20.79 17.02 23.96
CA SER A 583 -19.98 16.30 24.93
C SER A 583 -19.58 14.96 24.36
N PHE A 584 -20.52 14.28 23.70
CA PHE A 584 -20.22 12.97 23.12
C PHE A 584 -19.10 13.07 22.10
N VAL A 585 -19.16 14.09 21.25
CA VAL A 585 -18.12 14.26 20.23
C VAL A 585 -16.78 14.55 20.88
N LEU A 586 -16.76 15.46 21.86
CA LEU A 586 -15.51 15.78 22.50
C LEU A 586 -14.92 14.54 23.14
N LEU A 587 -15.76 13.72 23.77
CA LEU A 587 -15.27 12.49 24.40
C LEU A 587 -14.72 11.56 23.33
N THR A 588 -15.37 11.49 22.18
CA THR A 588 -14.85 10.65 21.11
C THR A 588 -13.49 11.14 20.68
N VAL A 589 -13.32 12.46 20.66
CA VAL A 589 -12.03 13.04 20.29
C VAL A 589 -10.97 12.65 21.30
N GLY A 590 -11.32 12.72 22.59
CA GLY A 590 -10.38 12.34 23.61
C GLY A 590 -9.99 10.89 23.47
N ALA A 591 -10.97 10.05 23.17
CA ALA A 591 -10.70 8.63 22.97
C ALA A 591 -9.78 8.43 21.77
N CYS A 592 -9.98 9.22 20.72
CA CYS A 592 -9.15 9.09 19.55
C CYS A 592 -7.70 9.40 19.88
N VAL A 593 -7.47 10.54 20.51
CA VAL A 593 -6.10 10.89 20.87
C VAL A 593 -5.52 9.80 21.77
N VAL A 594 -6.33 9.28 22.68
CA VAL A 594 -5.86 8.22 23.57
C VAL A 594 -5.42 7.03 22.76
N VAL A 595 -6.23 6.64 21.79
CA VAL A 595 -5.88 5.51 20.95
C VAL A 595 -4.53 5.75 20.30
N PHE A 596 -4.34 6.98 19.79
CA PHE A 596 -3.06 7.33 19.19
C PHE A 596 -1.95 7.12 20.21
N VAL A 597 -2.24 7.42 21.47
CA VAL A 597 -1.27 7.19 22.54
C VAL A 597 -1.25 5.72 22.91
N PHE A 598 -2.39 5.18 23.33
CA PHE A 598 -2.50 3.79 23.73
C PHE A 598 -3.56 3.13 22.88
N PRO A 599 -3.27 2.01 22.19
CA PRO A 599 -2.00 1.30 22.18
C PRO A 599 -0.82 2.09 21.60
N GLY A 600 -1.03 2.90 20.57
CA GLY A 600 0.07 3.65 20.01
C GLY A 600 0.00 3.91 18.51
N LEU A 601 0.30 5.15 18.11
CA LEU A 601 0.19 5.53 16.70
C LEU A 601 1.14 4.74 15.80
N GLN A 602 2.37 4.52 16.24
CA GLN A 602 3.33 3.82 15.40
C GLN A 602 3.10 2.32 15.39
N LEU A 603 3.21 1.73 14.19
CA LEU A 603 3.08 0.30 13.96
C LEU A 603 4.20 -0.08 13.01
N ALA A 604 4.51 -1.37 12.94
CA ALA A 604 5.59 -1.84 12.10
C ALA A 604 5.17 -3.03 11.27
N SER A 605 5.84 -3.23 10.14
CA SER A 605 5.56 -4.36 9.27
C SER A 605 6.33 -5.57 9.75
N GLY A 606 5.78 -6.74 9.50
CA GLY A 606 6.37 -7.98 9.94
C GLY A 606 7.36 -8.64 9.03
N ARG A 607 7.77 -7.98 7.95
CA ARG A 607 8.73 -8.59 7.04
C ARG A 607 9.36 -7.53 6.16
N THR A 608 10.25 -7.98 5.28
CA THR A 608 10.96 -7.07 4.39
C THR A 608 10.05 -6.44 3.35
N PHE A 609 9.42 -7.27 2.52
CA PHE A 609 8.55 -6.74 1.47
C PHE A 609 7.33 -6.05 2.04
N SER A 610 6.63 -6.72 2.96
CA SER A 610 5.44 -6.16 3.57
C SER A 610 4.96 -7.15 4.62
N LEU A 611 4.26 -6.64 5.63
CA LEU A 611 3.70 -7.50 6.66
C LEU A 611 2.81 -8.55 6.03
N TRP A 612 2.07 -8.15 5.01
CA TRP A 612 1.20 -9.01 4.21
C TRP A 612 1.38 -8.52 2.79
N ASN A 613 1.81 -9.41 1.90
CA ASN A 613 2.05 -9.01 0.51
C ASN A 613 1.36 -9.96 -0.44
N SER A 614 0.16 -10.41 -0.12
CA SER A 614 -0.56 -11.33 -0.99
C SER A 614 -2.04 -10.97 -0.93
N GLY A 615 -2.47 -10.13 -1.86
CA GLY A 615 -3.87 -9.75 -1.88
C GLY A 615 -4.75 -10.79 -2.52
N HIS A 616 -4.19 -11.56 -3.48
CA HIS A 616 -4.97 -12.55 -4.19
C HIS A 616 -5.38 -13.72 -3.29
N PRO A 617 -6.55 -14.34 -3.55
CA PRO A 617 -6.99 -15.48 -2.73
C PRO A 617 -6.00 -16.62 -2.85
N SER A 618 -5.72 -17.05 -4.08
CA SER A 618 -4.75 -18.11 -4.27
C SER A 618 -3.43 -17.69 -3.64
N GLU A 619 -3.09 -16.41 -3.84
CA GLU A 619 -1.88 -15.89 -3.23
C GLU A 619 -2.04 -15.86 -1.72
N GLN A 620 -3.27 -15.65 -1.23
CA GLN A 620 -3.50 -15.66 0.22
C GLN A 620 -3.20 -17.04 0.75
N TYR A 621 -3.65 -18.06 0.02
CA TYR A 621 -3.36 -19.43 0.38
C TYR A 621 -1.87 -19.67 0.31
N ARG A 622 -1.22 -19.05 -0.67
CA ARG A 622 0.22 -19.17 -0.80
C ARG A 622 0.91 -18.51 0.39
N LEU A 623 0.34 -17.43 0.91
CA LEU A 623 0.94 -16.75 2.06
C LEU A 623 0.79 -17.61 3.30
N LEU A 624 -0.42 -18.12 3.53
CA LEU A 624 -0.62 -19.00 4.66
C LEU A 624 0.29 -20.18 4.50
N LYS A 625 0.53 -20.54 3.23
CA LYS A 625 1.46 -21.60 2.91
C LYS A 625 2.86 -21.18 3.27
N ASP A 626 3.18 -19.91 3.07
CA ASP A 626 4.50 -19.43 3.42
C ASP A 626 4.73 -19.61 4.91
N ARG A 627 3.70 -19.30 5.69
CA ARG A 627 3.81 -19.48 7.13
C ARG A 627 3.95 -20.97 7.48
N PHE A 628 3.06 -21.79 6.94
CA PHE A 628 3.13 -23.22 7.20
C PHE A 628 4.45 -23.79 6.72
N ALA A 629 5.05 -23.16 5.71
CA ALA A 629 6.34 -23.58 5.19
C ALA A 629 7.42 -23.20 6.17
N PHE A 630 7.29 -22.02 6.78
CA PHE A 630 8.22 -21.61 7.80
C PHE A 630 8.22 -22.67 8.89
N GLU A 631 7.03 -23.22 9.15
CA GLU A 631 6.92 -24.31 10.11
C GLU A 631 7.55 -25.57 9.55
N GLU A 632 7.30 -25.86 8.29
CA GLU A 632 7.85 -27.05 7.65
C GLU A 632 9.32 -26.88 7.32
N ASN A 633 9.69 -25.86 6.56
CA ASN A 633 11.07 -25.64 6.17
C ASN A 633 11.57 -24.32 6.74
N ARG A 634 12.79 -24.36 7.28
CA ARG A 634 13.39 -23.15 7.85
C ARG A 634 13.45 -22.06 6.79
N ASN A 635 13.13 -20.84 7.19
CA ASN A 635 13.16 -19.70 6.28
C ASN A 635 14.55 -19.55 5.69
N LEU A 636 14.67 -19.79 4.39
CA LEU A 636 15.94 -19.69 3.71
C LEU A 636 16.14 -18.31 3.09
N GLU A 640 16.71 -14.41 11.72
CA GLU A 640 17.55 -13.72 10.76
C GLU A 640 18.78 -13.13 11.43
N LYS A 641 19.81 -12.82 10.64
CA LYS A 641 21.04 -12.28 11.20
C LYS A 641 21.18 -10.79 10.89
N VAL A 642 22.17 -10.17 11.55
CA VAL A 642 22.48 -8.76 11.35
C VAL A 642 22.97 -8.54 9.94
N SER A 643 22.82 -7.30 9.41
CA SER A 643 23.25 -7.03 8.05
C SER A 643 23.87 -5.65 7.80
N LEU A 644 24.58 -5.07 8.77
CA LEU A 644 25.15 -3.75 8.56
C LEU A 644 26.33 -3.75 7.59
N HIS A 645 26.54 -2.61 6.94
CA HIS A 645 27.67 -2.50 6.03
C HIS A 645 28.12 -1.06 5.78
N PHE A 646 29.11 -0.56 6.52
CA PHE A 646 29.58 0.80 6.29
C PHE A 646 30.40 0.83 5.00
N VAL A 647 30.48 1.99 4.36
CA VAL A 647 31.22 2.02 3.10
C VAL A 647 32.00 3.29 2.82
N TRP A 648 32.65 3.31 1.66
CA TRP A 648 33.51 4.42 1.24
C TRP A 648 32.75 5.72 0.98
N GLY A 649 31.62 5.69 0.28
CA GLY A 649 30.98 6.97 0.03
C GLY A 649 29.58 6.91 -0.55
N VAL A 650 29.17 8.04 -1.13
CA VAL A 650 27.85 8.22 -1.73
C VAL A 650 28.01 8.77 -3.14
N LEU A 651 27.32 8.14 -4.10
CA LEU A 651 27.42 8.55 -5.50
C LEU A 651 26.52 9.74 -5.82
N ALA A 652 25.27 9.70 -5.36
CA ALA A 652 24.34 10.78 -5.65
C ALA A 652 23.35 10.95 -4.51
N LEU A 653 23.58 11.96 -3.66
CA LEU A 653 22.67 12.22 -2.55
C LEU A 653 21.29 12.60 -3.07
N ASN A 654 21.27 13.38 -4.15
CA ASN A 654 19.99 13.71 -4.76
C ASN A 654 19.53 12.46 -5.46
N GLN A 655 18.25 12.15 -5.34
CA GLN A 655 17.70 10.95 -5.98
C GLN A 655 17.37 11.29 -7.41
N ALA A 656 16.66 10.40 -8.10
CA ALA A 656 16.26 10.72 -9.46
C ALA A 656 15.48 12.00 -9.32
N ALA A 657 15.66 12.93 -10.24
CA ALA A 657 15.07 14.25 -10.06
C ALA A 657 13.57 14.33 -9.86
N LEU A 658 13.16 15.10 -8.86
CA LEU A 658 11.73 15.34 -8.61
C LEU A 658 10.71 14.24 -8.38
N LEU A 659 10.78 13.52 -7.25
CA LEU A 659 9.71 12.60 -6.91
C LEU A 659 9.49 11.63 -8.05
N ASP A 660 10.60 11.17 -8.64
CA ASP A 660 10.55 10.26 -9.79
C ASP A 660 11.28 8.96 -9.50
N PRO A 661 10.62 7.81 -9.66
CA PRO A 661 11.28 6.53 -9.40
C PRO A 661 12.21 6.18 -10.54
N THR A 662 13.52 6.29 -10.30
CA THR A 662 14.50 5.98 -11.33
C THR A 662 15.89 5.84 -10.74
N ASP A 663 16.84 5.42 -11.56
CA ASP A 663 18.22 5.26 -11.15
C ASP A 663 18.97 6.53 -11.51
N THR A 664 19.27 7.36 -10.51
CA THR A 664 20.00 8.61 -10.77
C THR A 664 21.38 8.32 -11.38
N GLY A 665 22.05 7.28 -10.91
CA GLY A 665 23.35 6.93 -11.42
C GLY A 665 23.55 5.44 -11.44
N ILE A 666 24.48 5.00 -12.27
CA ILE A 666 24.82 3.59 -12.42
C ILE A 666 26.18 3.29 -11.79
N THR A 667 27.16 4.14 -12.06
CA THR A 667 28.49 3.97 -11.48
C THR A 667 28.60 4.85 -10.24
N THR A 668 29.34 4.36 -9.25
CA THR A 668 29.48 5.10 -8.01
C THR A 668 30.27 6.39 -8.19
N MET A 669 30.24 7.20 -7.15
CA MET A 669 30.94 8.48 -7.13
C MET A 669 31.27 8.79 -5.69
N ASP A 670 32.35 9.55 -5.50
CA ASP A 670 32.77 9.93 -4.17
C ASP A 670 33.64 11.18 -4.27
N GLY A 671 33.54 12.03 -3.26
CA GLY A 671 34.37 13.22 -3.25
C GLY A 671 35.82 12.82 -3.25
N ARG A 672 36.58 13.38 -4.18
CA ARG A 672 37.99 13.01 -4.29
C ARG A 672 38.68 13.17 -2.95
N PHE A 673 39.08 12.04 -2.38
CA PHE A 673 39.76 11.99 -1.10
C PHE A 673 40.82 10.91 -1.20
N ASN A 674 41.98 11.18 -0.61
CA ASN A 674 43.06 10.21 -0.65
C ASN A 674 43.42 9.74 0.74
N MET A 675 43.83 8.49 0.79
CA MET A 675 44.24 7.87 2.03
C MET A 675 45.65 8.32 2.33
N SER A 676 45.79 9.48 2.98
CA SER A 676 47.12 9.93 3.35
C SER A 676 47.70 8.86 4.25
N ASP A 677 48.88 8.35 3.87
CA ASP A 677 49.50 7.26 4.62
C ASP A 677 49.39 7.42 6.14
N PRO A 678 49.80 8.54 6.74
CA PRO A 678 49.65 8.63 8.21
C PRO A 678 48.22 8.92 8.65
N LEU A 679 47.48 9.73 7.91
CA LEU A 679 46.14 10.13 8.34
C LEU A 679 45.11 9.02 8.17
N SER A 680 44.98 8.48 6.97
CA SER A 680 43.93 7.50 6.69
C SER A 680 44.06 6.19 7.44
N GLN A 681 45.26 5.62 7.52
CA GLN A 681 45.38 4.34 8.20
C GLN A 681 44.90 4.46 9.64
N ILE A 682 45.31 5.52 10.32
CA ILE A 682 44.89 5.72 11.69
C ILE A 682 43.39 5.98 11.74
N TRP A 683 42.87 6.69 10.74
CA TRP A 683 41.44 6.97 10.72
C TRP A 683 40.66 5.66 10.60
N MET A 684 41.10 4.79 9.70
CA MET A 684 40.45 3.51 9.52
C MET A 684 40.59 2.69 10.78
N LEU A 685 41.75 2.75 11.42
CA LEU A 685 41.97 2.01 12.66
C LEU A 685 40.99 2.47 13.72
N LYS A 686 40.84 3.78 13.89
CA LYS A 686 39.91 4.30 14.88
C LYS A 686 38.51 3.84 14.52
N PHE A 687 38.22 3.84 13.23
CA PHE A 687 36.91 3.37 12.79
C PHE A 687 36.73 1.93 13.20
N CYS A 688 37.79 1.13 13.05
CA CYS A 688 37.74 -0.27 13.42
C CYS A 688 37.53 -0.44 14.91
N ALA A 689 38.18 0.39 15.71
CA ALA A 689 38.05 0.26 17.16
C ALA A 689 36.63 0.58 17.61
N ASP A 690 36.12 1.75 17.23
CA ASP A 690 34.76 2.11 17.63
C ASP A 690 33.75 1.15 17.02
N LEU A 691 33.93 0.82 15.74
CA LEU A 691 33.05 -0.12 15.09
C LEU A 691 33.16 -1.48 15.73
N ARG A 692 34.30 -1.77 16.35
CA ARG A 692 34.45 -3.03 17.05
C ARG A 692 33.62 -3.00 18.31
N GLN A 693 33.67 -1.87 19.02
CA GLN A 693 32.89 -1.71 20.25
C GLN A 693 31.40 -1.78 19.96
N GLN A 694 31.00 -1.45 18.74
CA GLN A 694 29.58 -1.47 18.39
C GLN A 694 29.12 -2.74 17.66
N THR A 695 29.94 -3.24 16.74
CA THR A 695 29.56 -4.38 15.94
C THR A 695 30.05 -5.70 16.51
N PHE A 696 31.33 -5.77 16.89
CA PHE A 696 31.89 -7.03 17.37
C PHE A 696 31.06 -7.62 18.50
N PHE A 697 30.76 -6.80 19.52
CA PHE A 697 29.95 -7.27 20.66
C PHE A 697 30.34 -8.65 21.16
N ASP A 698 31.64 -8.95 21.17
CA ASP A 698 32.13 -10.25 21.65
C ASP A 698 31.49 -11.44 20.95
N ASN A 699 31.29 -11.33 19.63
CA ASN A 699 30.70 -12.42 18.87
C ASN A 699 31.49 -12.62 17.59
N SER A 700 31.50 -13.84 17.06
CA SER A 700 32.29 -14.10 15.87
C SER A 700 31.45 -13.99 14.60
N THR A 701 31.62 -12.88 13.88
CA THR A 701 30.86 -12.65 12.65
C THR A 701 31.46 -11.50 11.87
N GLN A 702 32.34 -11.80 10.91
CA GLN A 702 32.97 -10.77 10.07
C GLN A 702 33.68 -9.71 10.91
N SER A 703 34.38 -10.13 11.95
CA SER A 703 35.09 -9.19 12.82
C SER A 703 36.18 -8.42 12.10
N ASP A 704 36.91 -9.09 11.21
CA ASP A 704 38.02 -8.44 10.51
C ASP A 704 37.57 -7.27 9.63
N ASN A 705 38.37 -6.23 9.58
CA ASN A 705 38.04 -5.06 8.77
C ASN A 705 38.93 -5.01 7.55
N ALA A 706 38.35 -4.81 6.37
CA ALA A 706 39.12 -4.79 5.13
C ALA A 706 40.35 -3.89 5.16
N CYS A 707 40.43 -2.97 6.12
CA CYS A 707 41.56 -2.07 6.21
C CYS A 707 42.56 -2.56 7.27
N TYR A 708 42.07 -2.84 8.48
CA TYR A 708 42.96 -3.31 9.53
C TYR A 708 43.55 -4.65 9.17
N PHE A 709 42.74 -5.54 8.59
CA PHE A 709 43.26 -6.82 8.18
C PHE A 709 44.32 -6.62 7.10
N ASP A 710 44.10 -5.63 6.22
CA ASP A 710 45.05 -5.35 5.17
C ASP A 710 46.37 -4.87 5.76
N SER A 711 46.30 -3.94 6.70
CA SER A 711 47.51 -3.47 7.34
C SER A 711 48.20 -4.60 8.07
N PHE A 712 47.42 -5.52 8.62
CA PHE A 712 48.00 -6.65 9.31
C PHE A 712 48.73 -7.57 8.33
N MET A 713 48.08 -7.90 7.23
CA MET A 713 48.72 -8.77 6.24
C MET A 713 49.95 -8.09 5.68
N LEU A 714 49.92 -6.76 5.59
CA LEU A 714 51.08 -6.04 5.08
C LEU A 714 52.22 -6.07 6.09
N TRP A 715 51.91 -5.79 7.37
CA TRP A 715 52.93 -5.82 8.40
C TRP A 715 53.53 -7.21 8.53
N MET A 716 52.73 -8.24 8.23
CA MET A 716 53.22 -9.62 8.26
C MET A 716 54.06 -9.90 7.03
N GLU A 717 53.64 -9.37 5.88
CA GLU A 717 54.40 -9.54 4.67
C GLU A 717 55.61 -8.63 4.66
N THR A 718 55.57 -7.56 5.47
CA THR A 718 56.67 -6.60 5.61
C THR A 718 57.01 -5.88 4.30
N GLY A 719 56.00 -5.56 3.51
CA GLY A 719 56.24 -4.85 2.28
C GLY A 719 56.85 -5.71 1.19
N ALA A 720 57.09 -5.07 0.05
CA ALA A 720 57.66 -5.75 -1.10
C ALA A 720 58.39 -4.76 -2.00
N ALA A 732 54.41 7.36 1.54
CA ALA A 732 53.44 6.97 0.52
C ALA A 732 53.10 5.51 0.71
N THR A 733 52.92 5.12 1.96
CA THR A 733 52.63 3.73 2.29
C THR A 733 51.18 3.33 2.00
N PHE A 734 50.22 4.25 2.11
CA PHE A 734 48.83 3.88 1.88
C PHE A 734 48.56 3.46 0.45
N ILE A 735 49.00 4.26 -0.51
CA ILE A 735 48.74 3.93 -1.91
C ILE A 735 49.41 2.61 -2.28
N ARG A 736 50.70 2.48 -1.97
CA ARG A 736 51.40 1.25 -2.31
C ARG A 736 50.78 0.05 -1.61
N CYS A 737 50.41 0.23 -0.34
CA CYS A 737 49.80 -0.87 0.40
C CYS A 737 48.47 -1.27 -0.21
N VAL A 738 47.68 -0.29 -0.64
CA VAL A 738 46.40 -0.60 -1.26
C VAL A 738 46.62 -1.37 -2.55
N HIS A 739 47.60 -0.93 -3.33
CA HIS A 739 47.90 -1.63 -4.58
C HIS A 739 48.33 -3.06 -4.30
N THR A 740 49.19 -3.23 -3.31
CA THR A 740 49.67 -4.58 -2.96
C THR A 740 48.52 -5.46 -2.49
N PHE A 741 47.63 -4.91 -1.67
CA PHE A 741 46.51 -5.70 -1.19
C PHE A 741 45.59 -6.10 -2.32
N SER A 742 45.28 -5.16 -3.22
CA SER A 742 44.43 -5.48 -4.35
C SER A 742 45.06 -6.56 -5.21
N ASN A 743 46.37 -6.45 -5.44
CA ASN A 743 47.05 -7.47 -6.22
C ASN A 743 47.01 -8.82 -5.51
N SER A 744 47.21 -8.82 -4.20
CA SER A 744 47.23 -10.08 -3.45
C SER A 744 45.83 -10.63 -3.18
N PHE A 745 45.02 -9.91 -2.40
CA PHE A 745 43.69 -10.34 -2.01
C PHE A 745 43.71 -11.80 -1.52
N PRO A 746 44.67 -12.16 -0.66
CA PRO A 746 44.76 -13.56 -0.25
C PRO A 746 43.60 -14.08 0.58
N GLN A 747 43.12 -13.33 1.55
CA GLN A 747 42.06 -13.79 2.42
C GLN A 747 40.69 -13.24 2.00
N ALA A 748 39.73 -14.15 1.88
CA ALA A 748 38.35 -13.83 1.53
C ALA A 748 38.25 -12.95 0.28
N LYS A 749 39.12 -13.22 -0.69
CA LYS A 749 39.15 -12.48 -1.95
C LYS A 749 39.05 -10.99 -1.68
N HIS A 750 39.93 -10.51 -0.79
CA HIS A 750 39.95 -9.11 -0.41
C HIS A 750 38.61 -8.71 0.20
N PHE A 751 38.10 -9.55 1.09
CA PHE A 751 36.84 -9.31 1.78
C PHE A 751 35.68 -9.14 0.80
N GLY A 752 35.62 -10.01 -0.20
CA GLY A 752 34.57 -9.93 -1.19
C GLY A 752 34.61 -8.58 -1.87
N PRO A 753 33.49 -7.88 -1.87
CA PRO A 753 33.45 -6.56 -2.52
C PRO A 753 34.27 -5.54 -1.72
N ASN A 754 35.12 -4.80 -2.42
CA ASN A 754 36.00 -3.76 -1.87
C ASN A 754 36.71 -3.08 -3.03
N PHE A 755 37.34 -1.94 -2.73
CA PHE A 755 38.09 -1.16 -3.72
C PHE A 755 37.28 -0.94 -5.00
N ASN A 756 36.02 -0.57 -4.84
CA ASN A 756 35.14 -0.35 -5.99
C ASN A 756 35.64 0.76 -6.89
N SER A 757 36.65 1.52 -6.46
CA SER A 757 37.22 2.61 -7.26
C SER A 757 38.29 2.02 -8.17
N LEU A 758 37.83 1.23 -9.14
CA LEU A 758 38.69 0.55 -10.11
C LEU A 758 38.71 1.20 -11.48
N HIS A 759 37.85 2.19 -11.74
CA HIS A 759 37.88 2.85 -13.04
C HIS A 759 39.26 3.45 -13.27
N GLN A 760 39.86 3.95 -12.22
CA GLN A 760 41.20 4.48 -12.18
C GLN A 760 41.81 3.85 -10.94
N ILE A 761 43.14 3.73 -10.92
CA ILE A 761 43.74 3.13 -9.74
C ILE A 761 43.30 3.93 -8.53
N ASP A 762 42.47 3.32 -7.68
CA ASP A 762 41.97 4.02 -6.51
C ASP A 762 41.54 3.00 -5.48
N SER A 763 41.53 3.43 -4.23
CA SER A 763 41.18 2.58 -3.09
C SER A 763 39.84 3.00 -2.50
N PHE A 764 38.91 2.05 -2.42
CA PHE A 764 37.61 2.25 -1.83
C PHE A 764 37.52 1.34 -0.60
N VAL A 765 36.64 1.67 0.33
CA VAL A 765 36.54 0.89 1.55
C VAL A 765 35.09 0.51 1.83
N LEU A 766 34.92 -0.61 2.51
CA LEU A 766 33.60 -1.12 2.86
C LEU A 766 33.78 -2.02 4.06
N ARG A 767 32.67 -2.31 4.75
CA ARG A 767 32.76 -3.18 5.93
C ARG A 767 31.38 -3.73 6.27
N LEU A 768 31.21 -5.04 6.14
CA LEU A 768 29.96 -5.70 6.48
C LEU A 768 30.01 -6.05 7.96
N GLN A 769 29.19 -5.38 8.76
CA GLN A 769 29.20 -5.57 10.21
C GLN A 769 27.93 -6.27 10.67
N THR A 770 27.91 -6.59 11.95
CA THR A 770 26.79 -7.27 12.60
C THR A 770 26.54 -6.74 14.02
N SER A 771 26.49 -5.43 14.19
CA SER A 771 26.32 -4.85 15.52
C SER A 771 25.11 -5.40 16.25
N GLN A 772 23.94 -5.40 15.63
CA GLN A 772 22.74 -5.85 16.33
C GLN A 772 21.87 -6.74 15.46
N LEU A 773 21.04 -7.52 16.13
CA LEU A 773 20.15 -8.43 15.44
C LEU A 773 19.18 -7.70 14.53
N PHE A 774 18.83 -8.34 13.43
CA PHE A 774 17.90 -7.77 12.47
C PHE A 774 16.50 -8.15 12.93
N SER A 775 15.61 -7.18 13.00
CA SER A 775 14.24 -7.42 13.42
C SER A 775 13.27 -6.90 12.38
N HIS A 776 12.26 -7.71 12.08
CA HIS A 776 11.27 -7.30 11.10
C HIS A 776 10.61 -6.01 11.54
N SER A 777 10.26 -5.92 12.81
CA SER A 777 9.66 -4.70 13.31
C SER A 777 10.74 -3.65 13.46
N TYR A 778 10.40 -2.42 13.13
CA TYR A 778 11.35 -1.32 13.22
C TYR A 778 11.16 -0.49 14.47
N THR A 779 10.31 -0.92 15.39
CA THR A 779 10.15 -0.14 16.60
C THR A 779 11.51 0.08 17.23
N ALA A 780 12.27 -1.00 17.40
CA ALA A 780 13.61 -0.93 17.95
C ALA A 780 14.65 -1.11 16.87
N MET A 781 14.32 -1.82 15.79
CA MET A 781 15.28 -1.96 14.72
C MET A 781 15.65 -0.56 14.25
N GLN A 782 14.64 0.30 14.12
CA GLN A 782 14.93 1.69 13.76
C GLN A 782 15.63 2.35 14.92
N GLN A 783 15.34 1.91 16.13
CA GLN A 783 16.05 2.46 17.26
C GLN A 783 17.52 2.12 17.12
N LEU A 784 17.81 0.90 16.70
CA LEU A 784 19.20 0.48 16.53
C LEU A 784 19.85 1.21 15.35
N HIS A 785 19.12 1.35 14.25
CA HIS A 785 19.66 2.04 13.09
C HIS A 785 19.93 3.48 13.44
N GLN A 786 19.09 4.04 14.29
CA GLN A 786 19.27 5.42 14.73
C GLN A 786 20.48 5.53 15.64
N HIS A 787 20.61 4.59 16.57
CA HIS A 787 21.76 4.61 17.46
C HIS A 787 23.04 4.47 16.67
N VAL A 788 23.02 3.58 15.68
CA VAL A 788 24.18 3.39 14.85
C VAL A 788 24.41 4.61 13.98
N ASP A 789 23.33 5.27 13.56
CA ASP A 789 23.44 6.47 12.77
C ASP A 789 24.15 7.55 13.56
N GLN A 790 23.77 7.69 14.83
CA GLN A 790 24.42 8.67 15.69
C GLN A 790 25.88 8.31 15.92
N TRP A 791 26.16 7.03 16.15
CA TRP A 791 27.54 6.61 16.36
C TRP A 791 28.37 6.93 15.13
N PHE A 792 27.83 6.63 13.95
CA PHE A 792 28.53 6.90 12.71
C PHE A 792 28.71 8.39 12.53
N THR A 793 27.69 9.17 12.92
CA THR A 793 27.77 10.61 12.79
C THR A 793 28.89 11.14 13.67
N ALA A 794 28.95 10.67 14.90
CA ALA A 794 30.01 11.11 15.80
C ALA A 794 31.36 10.68 15.25
N ALA A 795 31.44 9.46 14.74
CA ALA A 795 32.69 8.98 14.16
C ALA A 795 33.14 9.88 13.02
N LEU A 796 32.21 10.19 12.11
CA LEU A 796 32.54 11.07 10.99
C LEU A 796 32.99 12.42 11.50
N ARG A 797 32.34 12.91 12.55
CA ARG A 797 32.75 14.19 13.12
C ARG A 797 34.18 14.11 13.58
N THR A 798 34.53 13.03 14.28
CA THR A 798 35.89 12.87 14.79
C THR A 798 36.95 12.77 13.70
N ALA A 799 36.60 12.20 12.54
CA ALA A 799 37.58 12.02 11.48
C ALA A 799 38.13 13.34 10.93
N PRO A 800 39.45 13.43 10.76
CA PRO A 800 40.06 14.65 10.22
C PRO A 800 39.68 15.05 8.78
N PRO A 801 39.66 14.10 7.81
CA PRO A 801 39.22 14.55 6.49
C PRO A 801 37.72 14.47 6.42
N SER A 802 37.10 13.72 7.33
CA SER A 802 35.65 13.58 7.38
C SER A 802 35.09 13.31 6.00
N LEU A 803 35.81 12.51 5.21
CA LEU A 803 35.34 12.19 3.87
C LEU A 803 34.01 11.47 3.99
N GLN A 804 33.05 11.88 3.16
CA GLN A 804 31.73 11.27 3.25
C GLN A 804 31.77 9.80 2.86
N GLY A 805 31.18 8.98 3.71
CA GLY A 805 31.10 7.56 3.48
C GLY A 805 29.70 7.12 3.86
N ALA A 806 29.02 6.51 2.92
CA ALA A 806 27.67 6.06 3.17
C ALA A 806 27.75 4.76 3.96
N TRP A 807 27.30 4.80 5.21
CA TRP A 807 27.28 3.61 6.04
C TRP A 807 25.84 3.10 6.06
N PHE A 808 25.48 2.44 4.97
CA PHE A 808 24.13 1.93 4.80
C PHE A 808 24.04 0.46 5.18
N THR A 809 22.82 0.03 5.44
CA THR A 809 22.55 -1.36 5.82
C THR A 809 21.24 -1.80 5.20
N GLY A 810 21.23 -3.05 4.73
CA GLY A 810 20.02 -3.58 4.12
C GLY A 810 18.81 -3.41 5.01
N ASP A 811 18.98 -3.68 6.30
CA ASP A 811 17.87 -3.49 7.22
C ASP A 811 17.56 -2.01 7.37
N PHE A 812 18.60 -1.18 7.32
CA PHE A 812 18.39 0.24 7.43
C PHE A 812 17.37 0.70 6.41
N ALA A 813 17.32 0.02 5.25
CA ALA A 813 16.35 0.38 4.22
C ALA A 813 14.93 0.16 4.69
N PHE A 814 14.62 -1.01 5.22
CA PHE A 814 13.27 -1.24 5.69
C PHE A 814 12.94 -0.27 6.80
N PHE A 815 13.89 -0.05 7.71
CA PHE A 815 13.65 0.88 8.79
C PHE A 815 13.32 2.24 8.22
N ASP A 816 14.04 2.61 7.16
CA ASP A 816 13.80 3.89 6.52
C ASP A 816 12.44 3.90 5.88
N LEU A 817 12.03 2.78 5.30
CA LEU A 817 10.71 2.75 4.68
C LEU A 817 9.66 3.04 5.73
N GLN A 818 9.80 2.43 6.88
CA GLN A 818 8.85 2.70 7.95
C GLN A 818 8.97 4.15 8.40
N GLN A 819 10.19 4.63 8.53
CA GLN A 819 10.40 6.00 8.95
C GLN A 819 9.76 6.96 7.98
N SER A 820 9.91 6.69 6.70
CA SER A 820 9.34 7.52 5.67
C SER A 820 7.84 7.44 5.71
N LEU A 821 7.31 6.26 6.01
CA LEU A 821 5.87 6.14 6.11
C LEU A 821 5.37 7.03 7.22
N ILE A 822 6.06 7.00 8.37
CA ILE A 822 5.67 7.84 9.50
C ILE A 822 5.79 9.31 9.13
N SER A 823 6.90 9.65 8.46
CA SER A 823 7.11 11.03 8.04
C SER A 823 6.01 11.47 7.11
N GLY A 824 5.59 10.58 6.21
CA GLY A 824 4.51 10.91 5.30
C GLY A 824 3.21 11.13 6.04
N THR A 825 2.93 10.27 7.00
CA THR A 825 1.70 10.44 7.76
C THR A 825 1.70 11.78 8.46
N ALA A 826 2.80 12.12 9.09
CA ALA A 826 2.87 13.39 9.80
C ALA A 826 2.78 14.56 8.82
N LEU A 827 3.55 14.51 7.74
CA LEU A 827 3.49 15.59 6.78
C LEU A 827 2.09 15.72 6.23
N SER A 828 1.42 14.60 6.06
CA SER A 828 0.05 14.63 5.56
C SER A 828 -0.85 15.30 6.56
N LEU A 829 -0.67 15.00 7.84
CA LEU A 829 -1.50 15.65 8.85
C LEU A 829 -1.27 17.15 8.83
N ILE A 830 0.00 17.57 8.77
CA ILE A 830 0.28 18.99 8.71
C ILE A 830 -0.33 19.57 7.44
N VAL A 831 -0.25 18.80 6.36
CA VAL A 831 -0.83 19.23 5.10
C VAL A 831 -2.33 19.37 5.28
N SER A 832 -2.91 18.51 6.10
CA SER A 832 -4.32 18.63 6.38
C SER A 832 -4.57 19.92 7.11
N LEU A 833 -3.63 20.30 7.96
CA LEU A 833 -3.77 21.58 8.65
C LEU A 833 -3.78 22.69 7.61
N PHE A 834 -2.92 22.56 6.61
CA PHE A 834 -2.88 23.55 5.52
C PHE A 834 -4.17 23.51 4.74
N VAL A 835 -4.75 22.32 4.58
CA VAL A 835 -6.00 22.17 3.86
C VAL A 835 -7.11 22.90 4.59
N ALA A 836 -7.19 22.70 5.88
CA ALA A 836 -8.20 23.37 6.67
C ALA A 836 -8.00 24.86 6.61
N PHE A 837 -6.76 25.30 6.70
CA PHE A 837 -6.48 26.71 6.62
C PHE A 837 -6.93 27.26 5.29
N LEU A 838 -6.63 26.56 4.21
CA LEU A 838 -7.01 27.02 2.88
C LEU A 838 -8.52 27.01 2.70
N VAL A 839 -9.19 26.05 3.33
CA VAL A 839 -10.64 26.00 3.24
C VAL A 839 -11.25 27.21 3.90
N LEU A 840 -10.87 27.47 5.15
CA LEU A 840 -11.38 28.64 5.84
C LEU A 840 -10.99 29.92 5.10
N PHE A 841 -9.77 29.97 4.57
CA PHE A 841 -9.34 31.14 3.81
C PHE A 841 -10.20 31.29 2.58
N PHE A 842 -10.72 30.19 2.07
CA PHE A 842 -11.61 30.25 0.92
C PHE A 842 -13.04 30.40 1.39
N THR A 843 -13.30 30.13 2.66
CA THR A 843 -14.64 30.21 3.19
C THR A 843 -14.75 30.96 4.53
N THR A 844 -13.93 31.99 4.75
CA THR A 844 -14.09 32.73 5.99
C THR A 844 -13.56 34.15 5.89
N LEU A 845 -14.45 35.11 5.62
CA LEU A 845 -14.10 36.52 5.54
C LEU A 845 -14.80 37.35 6.59
N ASN A 846 -15.88 36.83 7.16
CA ASN A 846 -16.61 37.54 8.18
C ASN A 846 -15.94 37.29 9.53
N VAL A 847 -16.65 37.70 10.58
CA VAL A 847 -16.14 37.52 11.93
C VAL A 847 -16.10 36.04 12.23
N GLY A 848 -15.04 35.59 12.84
CA GLY A 848 -14.89 34.19 13.16
C GLY A 848 -14.29 33.44 11.98
N VAL A 849 -14.00 32.16 12.22
CA VAL A 849 -13.41 31.33 11.19
C VAL A 849 -13.82 29.89 11.43
N SER A 850 -13.93 29.14 10.34
CA SER A 850 -14.29 27.73 10.40
C SER A 850 -13.15 26.89 10.95
N LEU A 851 -12.06 27.53 11.33
CA LEU A 851 -10.92 26.80 11.85
C LEU A 851 -11.32 25.93 13.03
N ILE A 852 -12.21 26.41 13.90
CA ILE A 852 -12.62 25.55 15.01
C ILE A 852 -13.27 24.31 14.47
N ALA A 853 -14.13 24.48 13.48
CA ALA A 853 -14.80 23.34 12.87
C ALA A 853 -13.80 22.45 12.14
N ILE A 854 -12.93 23.05 11.34
CA ILE A 854 -11.96 22.27 10.59
C ILE A 854 -11.11 21.45 11.55
N THR A 855 -10.75 22.03 12.69
CA THR A 855 -9.97 21.32 13.68
C THR A 855 -10.75 20.16 14.22
N VAL A 856 -12.04 20.38 14.48
CA VAL A 856 -12.87 19.29 14.96
C VAL A 856 -12.88 18.17 13.92
N ILE A 857 -12.98 18.54 12.65
CA ILE A 857 -13.00 17.55 11.59
C ILE A 857 -11.71 16.77 11.57
N ALA A 858 -10.59 17.47 11.66
CA ALA A 858 -9.31 16.79 11.66
C ALA A 858 -9.24 15.83 12.82
N GLY A 859 -9.77 16.24 13.97
CA GLY A 859 -9.79 15.34 15.10
C GLY A 859 -10.60 14.10 14.75
N ILE A 860 -11.66 14.30 13.99
CA ILE A 860 -12.44 13.15 13.57
C ILE A 860 -11.60 12.27 12.65
N MET A 861 -10.77 12.90 11.83
CA MET A 861 -9.91 12.14 10.92
C MET A 861 -8.95 11.28 11.72
N LEU A 862 -8.33 11.89 12.73
CA LEU A 862 -7.44 11.13 13.58
C LEU A 862 -8.19 10.01 14.23
N ALA A 863 -9.44 10.29 14.61
CA ALA A 863 -10.28 9.28 15.21
C ALA A 863 -10.45 8.12 14.27
N THR A 864 -10.68 8.43 12.99
CA THR A 864 -10.84 7.37 12.00
C THR A 864 -9.56 6.56 11.91
N THR A 865 -8.43 7.23 11.90
CA THR A 865 -7.17 6.49 11.84
C THR A 865 -7.10 5.53 13.02
N ALA A 866 -7.39 6.04 14.20
CA ALA A 866 -7.39 5.21 15.38
C ALA A 866 -8.36 4.05 15.22
N ALA A 867 -9.51 4.32 14.61
CA ALA A 867 -10.47 3.25 14.40
C ALA A 867 -9.86 2.18 13.52
N LEU A 868 -9.09 2.60 12.52
CA LEU A 868 -8.43 1.63 11.66
C LEU A 868 -7.54 0.76 12.53
N VAL A 869 -6.91 1.38 13.52
CA VAL A 869 -6.11 0.61 14.45
C VAL A 869 -7.01 -0.36 15.18
N LEU A 870 -8.22 0.08 15.50
CA LEU A 870 -9.18 -0.82 16.14
C LEU A 870 -9.42 -2.00 15.23
N MET A 871 -9.28 -1.78 13.94
CA MET A 871 -9.39 -2.82 12.92
C MET A 871 -8.06 -3.52 12.74
N GLU A 872 -7.05 -3.08 13.50
CA GLU A 872 -5.72 -3.67 13.49
C GLU A 872 -4.97 -3.43 12.18
N TRP A 873 -5.44 -2.50 11.37
CA TRP A 873 -4.75 -2.21 10.13
C TRP A 873 -3.38 -1.68 10.51
N GLN A 874 -2.33 -2.41 10.17
CA GLN A 874 -0.98 -1.99 10.54
C GLN A 874 -0.55 -0.76 9.76
N LEU A 875 0.44 -0.07 10.32
CA LEU A 875 0.95 1.13 9.67
C LEU A 875 1.81 0.71 8.50
N SER A 876 1.32 0.96 7.28
CA SER A 876 2.04 0.59 6.08
C SER A 876 1.79 1.62 5.00
N VAL A 877 2.56 1.52 3.93
CA VAL A 877 2.41 2.43 2.81
C VAL A 877 0.94 2.56 2.45
N PHE A 878 0.29 1.42 2.25
CA PHE A 878 -1.12 1.45 1.94
C PHE A 878 -1.89 2.16 3.02
N GLU A 879 -1.59 1.83 4.28
CA GLU A 879 -2.28 2.48 5.38
C GLU A 879 -2.09 3.98 5.31
N SER A 880 -0.90 4.42 4.93
CA SER A 880 -0.65 5.84 4.84
C SER A 880 -1.48 6.48 3.74
N THR A 881 -1.45 5.88 2.55
CA THR A 881 -2.21 6.44 1.45
C THR A 881 -3.67 6.54 1.83
N ILE A 882 -4.16 5.52 2.52
CA ILE A 882 -5.56 5.52 2.94
C ILE A 882 -5.81 6.65 3.91
N ILE A 883 -4.92 6.84 4.88
CA ILE A 883 -5.11 7.92 5.83
C ILE A 883 -5.23 9.24 5.09
N GLY A 884 -4.43 9.41 4.05
CA GLY A 884 -4.51 10.64 3.27
C GLY A 884 -5.86 10.81 2.59
N LEU A 885 -6.23 9.83 1.78
CA LEU A 885 -7.52 9.91 1.08
C LEU A 885 -8.64 10.16 2.07
N ALA A 886 -8.54 9.53 3.24
CA ALA A 886 -9.54 9.68 4.27
C ALA A 886 -9.60 11.10 4.78
N ILE A 887 -8.43 11.70 5.02
CA ILE A 887 -8.46 13.09 5.46
C ILE A 887 -9.28 13.87 4.46
N GLY A 888 -9.09 13.56 3.18
CA GLY A 888 -9.85 14.24 2.16
C GLY A 888 -11.34 14.03 2.27
N LEU A 889 -11.77 12.76 2.34
CA LEU A 889 -13.20 12.47 2.42
C LEU A 889 -13.84 13.17 3.61
N SER A 890 -13.16 13.13 4.74
CA SER A 890 -13.70 13.76 5.94
C SER A 890 -13.81 15.25 5.74
N VAL A 891 -12.79 15.86 5.15
CA VAL A 891 -12.85 17.30 4.94
C VAL A 891 -14.06 17.65 4.11
N ASP A 892 -14.29 16.89 3.03
CA ASP A 892 -15.44 17.19 2.20
C ASP A 892 -16.72 17.07 3.00
N PHE A 893 -16.83 16.01 3.79
CA PHE A 893 -18.00 15.85 4.61
C PHE A 893 -18.22 17.09 5.44
N THR A 894 -17.19 17.54 6.13
CA THR A 894 -17.32 18.72 6.97
C THR A 894 -17.57 19.99 6.16
N LEU A 895 -17.13 20.01 4.92
CA LEU A 895 -17.26 21.21 4.10
C LEU A 895 -18.68 21.71 4.02
N HIS A 896 -19.63 20.80 3.82
CA HIS A 896 -21.01 21.22 3.71
C HIS A 896 -21.41 21.99 4.95
N TYR A 897 -21.31 21.34 6.11
CA TYR A 897 -21.67 21.99 7.36
C TYR A 897 -20.92 23.31 7.53
N ALA A 898 -19.67 23.33 7.08
CA ALA A 898 -18.88 24.55 7.21
C ALA A 898 -19.52 25.70 6.47
N VAL A 899 -19.68 25.54 5.16
CA VAL A 899 -20.26 26.59 4.34
C VAL A 899 -21.62 26.98 4.89
N SER A 900 -22.38 25.99 5.35
CA SER A 900 -23.69 26.29 5.89
C SER A 900 -23.59 27.19 7.09
N TYR A 901 -22.95 26.73 8.17
CA TYR A 901 -22.81 27.55 9.35
C TYR A 901 -22.37 28.95 8.98
N CYS A 902 -21.49 29.05 8.00
CA CYS A 902 -21.05 30.36 7.56
C CYS A 902 -22.22 31.20 7.08
N CYS A 903 -23.02 30.65 6.17
CA CYS A 903 -24.14 31.41 5.63
C CYS A 903 -25.20 31.74 6.68
N ALA A 904 -25.53 30.76 7.53
CA ALA A 904 -26.61 30.91 8.50
C ALA A 904 -26.28 31.83 9.68
N GLU A 905 -25.00 31.96 10.03
CA GLU A 905 -24.65 32.80 11.17
C GLU A 905 -25.24 34.19 11.07
N SER A 906 -25.11 34.81 9.90
CA SER A 906 -25.65 36.16 9.74
C SER A 906 -27.16 36.18 9.83
N TYR A 907 -27.82 35.14 9.31
CA TYR A 907 -29.27 35.13 9.33
C TYR A 907 -29.83 35.02 10.75
N GLU A 908 -29.37 34.06 11.55
CA GLU A 908 -29.93 33.94 12.90
C GLU A 908 -28.93 33.90 14.06
N GLU A 909 -27.68 33.51 13.83
CA GLU A 909 -26.64 33.51 14.87
C GLU A 909 -27.04 32.77 16.15
N ARG A 910 -27.68 31.60 16.04
CA ARG A 910 -28.07 30.86 17.24
C ARG A 910 -28.41 29.43 16.86
N GLU A 911 -28.90 28.67 17.85
CA GLU A 911 -29.29 27.30 17.61
C GLU A 911 -30.37 27.21 16.55
N LEU A 912 -31.10 28.30 16.35
CA LEU A 912 -32.11 28.30 15.29
C LEU A 912 -31.40 28.28 13.94
N LYS A 913 -30.40 29.17 13.79
CA LYS A 913 -29.62 29.18 12.56
C LYS A 913 -28.93 27.85 12.38
N THR A 914 -28.39 27.32 13.48
CA THR A 914 -27.74 26.03 13.40
C THR A 914 -28.74 24.97 12.97
N ASN A 915 -29.97 25.09 13.45
CA ASN A 915 -30.98 24.11 13.08
C ASN A 915 -31.23 24.15 11.59
N ILE A 916 -31.47 25.33 11.05
CA ILE A 916 -31.74 25.44 9.62
C ILE A 916 -30.53 25.01 8.82
N VAL A 917 -29.35 25.44 9.26
CA VAL A 917 -28.12 25.09 8.58
C VAL A 917 -27.95 23.60 8.58
N ILE A 918 -28.20 22.97 9.73
CA ILE A 918 -28.11 21.55 9.82
C ILE A 918 -29.18 20.93 8.97
N SER A 919 -30.31 21.61 8.81
CA SER A 919 -31.37 21.07 7.98
C SER A 919 -30.90 20.96 6.56
N GLU A 920 -30.37 22.04 6.02
CA GLU A 920 -29.86 21.99 4.66
C GLU A 920 -28.66 21.05 4.57
N MET A 921 -27.86 21.00 5.63
CA MET A 921 -26.69 20.15 5.64
C MET A 921 -27.07 18.69 5.62
N ALA A 922 -28.02 18.31 6.46
CA ALA A 922 -28.46 16.93 6.59
C ALA A 922 -28.62 16.26 5.24
N SER A 923 -29.18 16.97 4.27
CA SER A 923 -29.33 16.37 2.96
C SER A 923 -27.98 15.97 2.38
N CYS A 924 -27.07 16.93 2.34
CA CYS A 924 -25.74 16.65 1.80
C CYS A 924 -25.09 15.52 2.56
N VAL A 925 -25.22 15.54 3.88
CA VAL A 925 -24.60 14.51 4.69
C VAL A 925 -25.15 13.16 4.30
N THR A 926 -26.46 13.03 4.21
CA THR A 926 -27.04 11.75 3.87
C THR A 926 -26.52 11.26 2.53
N MET A 927 -26.51 12.13 1.54
CA MET A 927 -26.05 11.70 0.24
C MET A 927 -24.60 11.25 0.28
N SER A 928 -23.71 12.08 0.84
CA SER A 928 -22.31 11.71 0.89
C SER A 928 -22.13 10.41 1.65
N ALA A 929 -22.91 10.24 2.71
CA ALA A 929 -22.82 9.03 3.49
C ALA A 929 -23.15 7.83 2.64
N VAL A 930 -24.25 7.90 1.92
CA VAL A 930 -24.64 6.78 1.08
C VAL A 930 -23.55 6.50 0.07
N THR A 931 -23.04 7.56 -0.56
CA THR A 931 -22.00 7.40 -1.58
C THR A 931 -20.79 6.68 -1.04
N THR A 932 -20.27 7.17 0.08
CA THR A 932 -19.10 6.55 0.66
C THR A 932 -19.39 5.12 1.08
N PHE A 933 -20.53 4.88 1.72
CA PHE A 933 -20.83 3.52 2.14
C PHE A 933 -20.84 2.59 0.96
N LEU A 934 -21.44 3.02 -0.14
CA LEU A 934 -21.52 2.19 -1.32
C LEU A 934 -20.15 1.91 -1.89
N ALA A 935 -19.34 2.96 -2.07
CA ALA A 935 -18.02 2.74 -2.64
C ALA A 935 -17.20 1.79 -1.79
N GLY A 936 -17.19 2.01 -0.48
CA GLY A 936 -16.42 1.15 0.40
C GLY A 936 -16.91 -0.28 0.39
N ALA A 937 -18.22 -0.47 0.47
CA ALA A 937 -18.75 -1.84 0.47
C ALA A 937 -18.41 -2.55 -0.83
N LEU A 938 -18.66 -1.92 -1.95
CA LEU A 938 -18.37 -2.54 -3.22
C LEU A 938 -16.89 -2.91 -3.32
N MET A 939 -16.00 -2.00 -2.93
CA MET A 939 -14.57 -2.26 -3.04
C MET A 939 -14.06 -3.30 -2.05
N ILE A 940 -14.42 -3.18 -0.78
CA ILE A 940 -13.91 -4.13 0.22
C ILE A 940 -14.30 -5.56 -0.09
N PRO A 941 -15.53 -5.87 -0.41
CA PRO A 941 -15.88 -7.27 -0.66
C PRO A 941 -15.34 -7.80 -1.96
N SER A 942 -15.18 -6.92 -2.95
CA SER A 942 -14.70 -7.35 -4.25
C SER A 942 -13.30 -7.95 -4.16
N ASP A 943 -12.44 -7.37 -3.33
CA ASP A 943 -11.06 -7.83 -3.19
C ASP A 943 -10.83 -8.38 -1.79
N ILE A 944 -10.31 -9.60 -1.72
CA ILE A 944 -10.01 -10.21 -0.44
C ILE A 944 -8.58 -9.85 -0.06
N LEU A 945 -8.42 -8.67 0.54
CA LEU A 945 -7.19 -8.06 1.02
C LEU A 945 -6.33 -7.42 -0.07
N PHE A 946 -6.65 -7.57 -1.36
CA PHE A 946 -5.82 -6.91 -2.38
C PHE A 946 -5.93 -5.40 -2.19
N TYR A 947 -7.14 -4.92 -1.99
CA TYR A 947 -7.42 -3.51 -1.74
C TYR A 947 -8.41 -3.41 -0.60
N ARG A 948 -8.71 -4.54 0.06
CA ARG A 948 -9.66 -4.54 1.15
C ARG A 948 -9.28 -3.56 2.23
N GLN A 949 -8.00 -3.40 2.50
CA GLN A 949 -7.62 -2.42 3.51
C GLN A 949 -8.07 -1.04 3.06
N LEU A 950 -8.00 -0.77 1.76
CA LEU A 950 -8.43 0.52 1.24
C LEU A 950 -9.92 0.70 1.43
N GLY A 951 -10.69 -0.32 1.10
CA GLY A 951 -12.12 -0.21 1.29
C GLY A 951 -12.48 -0.06 2.75
N LEU A 952 -11.83 -0.84 3.60
CA LEU A 952 -12.11 -0.73 5.01
C LEU A 952 -11.80 0.67 5.49
N PHE A 953 -10.67 1.22 5.05
CA PHE A 953 -10.31 2.57 5.45
C PHE A 953 -11.34 3.55 4.95
N ILE A 954 -11.83 3.33 3.73
CA ILE A 954 -12.85 4.21 3.19
C ILE A 954 -14.09 4.13 4.06
N ILE A 955 -14.44 2.93 4.47
CA ILE A 955 -15.61 2.76 5.31
C ILE A 955 -15.38 3.43 6.64
N THR A 956 -14.17 3.31 7.16
CA THR A 956 -13.82 3.93 8.42
C THR A 956 -13.97 5.42 8.32
N VAL A 957 -13.46 5.97 7.22
CA VAL A 957 -13.59 7.39 7.00
C VAL A 957 -15.06 7.74 6.95
N THR A 958 -15.84 6.92 6.28
CA THR A 958 -17.26 7.17 6.17
C THR A 958 -17.92 7.21 7.53
N ALA A 959 -17.63 6.21 8.35
CA ALA A 959 -18.26 6.16 9.66
C ALA A 959 -17.84 7.35 10.49
N ILE A 960 -16.55 7.66 10.49
CA ILE A 960 -16.10 8.80 11.26
C ILE A 960 -16.73 10.05 10.70
N SER A 961 -16.97 10.06 9.39
CA SER A 961 -17.59 11.19 8.76
C SER A 961 -19.02 11.35 9.22
N LEU A 962 -19.78 10.26 9.23
CA LEU A 962 -21.16 10.34 9.68
C LEU A 962 -21.19 10.79 11.12
N LEU A 963 -20.31 10.23 11.92
CA LEU A 963 -20.25 10.63 13.31
C LEU A 963 -19.98 12.12 13.37
N TYR A 964 -18.91 12.55 12.71
CA TYR A 964 -18.56 13.94 12.70
C TYR A 964 -19.68 14.76 12.12
N ALA A 965 -20.51 14.16 11.28
CA ALA A 965 -21.61 14.90 10.70
C ALA A 965 -22.60 15.24 11.79
N THR A 966 -22.98 14.23 12.54
CA THR A 966 -23.89 14.47 13.64
C THR A 966 -23.27 15.47 14.60
N ILE A 967 -21.96 15.44 14.73
CA ILE A 967 -21.28 16.33 15.67
C ILE A 967 -21.02 17.71 15.05
N PHE A 968 -21.11 17.80 13.75
CA PHE A 968 -20.81 19.04 13.05
C PHE A 968 -21.66 20.15 13.62
N LEU A 969 -22.95 19.94 13.68
CA LEU A 969 -23.82 20.96 14.24
C LEU A 969 -23.41 21.31 15.67
N PRO A 970 -23.10 20.35 16.54
CA PRO A 970 -22.65 20.73 17.88
C PRO A 970 -21.47 21.67 17.82
N ALA A 971 -20.62 21.51 16.81
CA ALA A 971 -19.50 22.42 16.66
C ALA A 971 -20.03 23.84 16.54
N CYS A 972 -21.03 24.02 15.68
CA CYS A 972 -21.62 25.34 15.53
C CYS A 972 -22.12 25.83 16.87
N LEU A 973 -22.81 24.95 17.61
CA LEU A 973 -23.29 25.34 18.92
C LEU A 973 -22.14 25.91 19.74
N ALA A 974 -21.01 25.21 19.72
CA ALA A 974 -19.84 25.70 20.44
C ALA A 974 -19.43 27.05 19.89
N VAL A 975 -19.65 27.28 18.61
CA VAL A 975 -19.27 28.56 18.02
C VAL A 975 -20.17 29.66 18.59
N LEU A 976 -21.40 29.30 18.95
CA LEU A 976 -22.31 30.28 19.52
C LEU A 976 -21.77 30.81 20.84
N GLY A 977 -21.88 32.12 21.04
CA GLY A 977 -21.38 32.76 22.23
C GLY A 977 -22.00 32.24 23.50
N PRO A 978 -21.16 32.01 24.51
CA PRO A 978 -21.58 31.51 25.82
C PRO A 978 -22.27 32.58 26.67
#